data_4B4B
#
_entry.id   4B4B
#
_cell.length_a   64.060
_cell.length_b   154.240
_cell.length_c   134.850
_cell.angle_alpha   90.00
_cell.angle_beta   92.78
_cell.angle_gamma   90.00
#
_symmetry.space_group_name_H-M   'C 1 2 1'
#
loop_
_entity.id
_entity.type
_entity.pdbx_description
1 polymer 'GLUCOSE-1-PHOSPHATE THYMIDYLYLTRANSFERASE'
2 non-polymer 1-(2-phenylethyl)pyrimidine-2,4,6(1H,3H,5H)-trione
3 non-polymer 'CHLORIDE ION'
4 non-polymer '2-(N-MORPHOLINO)-ETHANESULFONIC ACID'
5 water water
#
_entity_poly.entity_id   1
_entity_poly.type   'polypeptide(L)'
_entity_poly.pdbx_seq_one_letter_code
;HHHHHHGSMAMKRKGIILAGGSGTRLHPATLAISKQLLPVYDKPMIYYPLSTLMLAGIREILIISTPQDTPRFQQLLGDG
SNWGLDLQYAVQPSPDGLAQAFLIGESFIGNDLSALVLGDNLYYGHDFHELLGSASQRQTGASVFAYHVLDPERYGVVEF
DQGGKAISLEEKPLEPKSNYAVTGLYFYDQQVVDIARDLKPSPRGELEITDVNRAYLERGQLSVEIMGRGYAWLDTGTHD
SLLEAGQFIATLENRQGLKVACPEEIAYRQKWIDAAQLEKLAAPLAKNGYGQYLKRLLTETVY
;
_entity_poly.pdbx_strand_id   A,B,C,D
#
# COMPACT_ATOMS: atom_id res chain seq x y z
N HIS A 2 -21.83 -29.03 -9.18
CA HIS A 2 -20.95 -29.59 -10.24
C HIS A 2 -19.87 -28.61 -10.66
N HIS A 3 -18.61 -29.01 -10.48
CA HIS A 3 -17.46 -28.23 -10.92
C HIS A 3 -16.92 -28.77 -12.22
N HIS A 4 -16.43 -27.88 -13.08
CA HIS A 4 -15.78 -28.28 -14.33
C HIS A 4 -14.38 -27.72 -14.35
N HIS A 5 -13.47 -28.34 -15.11
CA HIS A 5 -12.03 -28.06 -15.00
C HIS A 5 -11.31 -28.25 -16.31
N HIS A 6 -10.29 -27.44 -16.56
CA HIS A 6 -9.74 -27.27 -17.91
C HIS A 6 -8.23 -27.10 -17.88
N MET A 11 -2.10 -26.79 -14.25
CA MET A 11 -2.54 -25.94 -13.14
C MET A 11 -1.50 -24.91 -12.65
N LYS A 12 -1.96 -23.68 -12.43
CA LYS A 12 -1.10 -22.58 -11.96
C LYS A 12 -0.87 -22.56 -10.44
N ARG A 13 0.25 -21.93 -10.10
CA ARG A 13 0.74 -21.88 -8.71
C ARG A 13 0.87 -20.45 -8.22
N LYS A 14 0.31 -20.18 -7.05
CA LYS A 14 0.35 -18.86 -6.47
C LYS A 14 1.45 -18.83 -5.42
N GLY A 15 2.00 -17.66 -5.18
CA GLY A 15 3.09 -17.53 -4.21
C GLY A 15 2.70 -16.68 -3.01
N ILE A 16 3.32 -16.98 -1.88
CA ILE A 16 3.18 -16.16 -0.73
C ILE A 16 4.54 -15.89 -0.18
N ILE A 17 4.77 -14.63 0.17
CA ILE A 17 5.96 -14.22 0.87
C ILE A 17 5.58 -13.76 2.25
N LEU A 18 6.10 -14.43 3.24
CA LEU A 18 5.83 -14.05 4.62
C LEU A 18 6.93 -13.10 5.07
N ALA A 19 6.54 -11.82 5.21
CA ALA A 19 7.44 -10.75 5.49
C ALA A 19 6.91 -9.98 6.68
N GLY A 20 6.59 -10.77 7.70
CA GLY A 20 5.97 -10.29 8.91
C GLY A 20 6.93 -9.77 9.94
N GLY A 21 6.40 -9.61 11.15
CA GLY A 21 7.13 -9.04 12.26
C GLY A 21 8.08 -10.06 12.86
N SER A 22 9.38 -9.72 12.87
CA SER A 22 10.42 -10.53 13.55
C SER A 22 10.52 -10.23 15.06
N GLY A 23 9.43 -9.70 15.61
CA GLY A 23 9.34 -9.40 17.02
C GLY A 23 10.32 -8.32 17.46
N THR A 24 10.94 -8.54 18.62
CA THR A 24 11.88 -7.59 19.19
C THR A 24 13.32 -8.07 19.04
N ARG A 25 13.52 -9.19 18.35
CA ARG A 25 14.82 -9.88 18.36
C ARG A 25 16.00 -9.06 17.80
N LEU A 26 15.76 -8.28 16.74
CA LEU A 26 16.83 -7.48 16.12
C LEU A 26 16.69 -5.99 16.48
N HIS A 27 15.90 -5.69 17.52
CA HIS A 27 15.80 -4.31 17.97
C HIS A 27 17.12 -3.92 18.60
N PRO A 28 17.51 -2.64 18.48
CA PRO A 28 16.77 -1.52 17.91
C PRO A 28 16.99 -1.28 16.40
N ALA A 29 17.82 -2.10 15.74
CA ALA A 29 18.08 -1.94 14.30
C ALA A 29 16.76 -1.94 13.49
N THR A 30 15.87 -2.86 13.84
CA THR A 30 14.55 -3.00 13.22
C THR A 30 13.39 -2.21 13.91
N LEU A 31 13.72 -1.30 14.82
CA LEU A 31 12.68 -0.45 15.45
C LEU A 31 11.99 0.52 14.47
N ALA A 32 12.74 1.08 13.53
CA ALA A 32 12.15 2.03 12.54
C ALA A 32 11.39 1.35 11.39
N ILE A 33 11.81 0.13 11.00
CA ILE A 33 11.25 -0.60 9.85
C ILE A 33 11.45 -2.11 9.92
N SER A 34 10.65 -2.83 9.15
CA SER A 34 10.70 -4.27 9.07
C SER A 34 12.01 -4.77 8.50
N LYS A 35 12.41 -5.91 9.03
CA LYS A 35 13.62 -6.56 8.62
C LYS A 35 13.68 -6.73 7.11
N GLN A 36 12.53 -7.01 6.46
CA GLN A 36 12.54 -7.38 5.03
C GLN A 36 12.62 -6.17 4.07
N LEU A 37 12.65 -4.98 4.65
CA LEU A 37 12.96 -3.76 3.90
C LEU A 37 14.42 -3.33 4.05
N LEU A 38 15.17 -3.94 4.98
CA LEU A 38 16.58 -3.60 5.10
C LEU A 38 17.29 -4.10 3.83
N PRO A 39 18.31 -3.38 3.39
CA PRO A 39 19.00 -3.84 2.21
C PRO A 39 19.96 -4.96 2.50
N VAL A 40 20.07 -5.90 1.56
CA VAL A 40 21.17 -6.81 1.51
C VAL A 40 22.05 -6.30 0.36
N TYR A 41 23.16 -5.66 0.75
CA TYR A 41 24.13 -4.98 -0.14
C TYR A 41 23.42 -3.86 -0.85
N ASP A 42 22.80 -4.14 -1.98
CA ASP A 42 22.41 -3.05 -2.89
C ASP A 42 20.92 -3.03 -3.22
N LYS A 43 20.11 -3.87 -2.55
CA LYS A 43 18.71 -3.94 -2.83
C LYS A 43 17.97 -4.48 -1.62
N PRO A 44 16.67 -4.17 -1.49
CA PRO A 44 15.92 -4.58 -0.28
C PRO A 44 15.87 -6.07 -0.12
N MET A 45 15.85 -6.52 1.13
CA MET A 45 15.88 -7.94 1.40
C MET A 45 14.81 -8.63 0.63
N ILE A 46 13.64 -8.04 0.54
CA ILE A 46 12.47 -8.72 -0.03
C ILE A 46 12.63 -9.03 -1.50
N TYR A 47 13.52 -8.30 -2.23
CA TYR A 47 13.78 -8.65 -3.63
C TYR A 47 14.28 -10.10 -3.84
N TYR A 48 14.98 -10.64 -2.86
CA TYR A 48 15.61 -11.98 -2.96
C TYR A 48 14.57 -13.09 -2.95
N PRO A 49 13.73 -13.21 -1.88
CA PRO A 49 12.62 -14.18 -1.97
C PRO A 49 11.61 -13.97 -3.11
N LEU A 50 11.36 -12.71 -3.49
CA LEU A 50 10.50 -12.43 -4.62
C LEU A 50 11.13 -13.01 -5.87
N SER A 51 12.43 -12.83 -6.02
CA SER A 51 13.15 -13.40 -7.20
C SER A 51 13.10 -14.93 -7.19
N THR A 52 13.19 -15.53 -6.01
CA THR A 52 13.07 -16.99 -5.90
C THR A 52 11.72 -17.44 -6.45
N LEU A 53 10.64 -16.81 -6.01
CA LEU A 53 9.29 -17.18 -6.52
C LEU A 53 9.24 -16.97 -8.01
N MET A 54 9.74 -15.84 -8.49
CA MET A 54 9.77 -15.58 -9.94
C MET A 54 10.54 -16.67 -10.71
N LEU A 55 11.65 -17.12 -10.14
CA LEU A 55 12.45 -18.15 -10.80
C LEU A 55 11.74 -19.48 -10.82
N ALA A 56 10.85 -19.71 -9.85
CA ALA A 56 9.95 -20.90 -9.91
C ALA A 56 8.79 -20.73 -10.95
N GLY A 57 8.73 -19.62 -11.68
CA GLY A 57 7.68 -19.38 -12.67
C GLY A 57 6.39 -18.76 -12.09
N ILE A 58 6.43 -18.34 -10.84
CA ILE A 58 5.23 -17.82 -10.17
C ILE A 58 5.08 -16.31 -10.37
N ARG A 59 3.94 -15.89 -10.90
CA ARG A 59 3.68 -14.47 -11.19
C ARG A 59 2.66 -13.81 -10.28
N GLU A 60 1.86 -14.62 -9.61
CA GLU A 60 0.77 -14.11 -8.76
C GLU A 60 1.18 -14.34 -7.34
N ILE A 61 1.42 -13.24 -6.60
CA ILE A 61 2.09 -13.30 -5.32
C ILE A 61 1.42 -12.44 -4.26
N LEU A 62 1.21 -13.03 -3.09
CA LEU A 62 0.72 -12.34 -1.90
C LEU A 62 1.84 -12.04 -0.93
N ILE A 63 2.00 -10.76 -0.57
CA ILE A 63 2.92 -10.37 0.45
C ILE A 63 2.18 -10.14 1.76
N ILE A 64 2.63 -10.81 2.80
CA ILE A 64 2.06 -10.69 4.13
C ILE A 64 3.04 -9.97 5.04
N SER A 65 2.60 -8.84 5.61
CA SER A 65 3.44 -8.08 6.52
C SER A 65 2.60 -7.44 7.62
N THR A 66 3.25 -6.68 8.50
CA THR A 66 2.55 -6.08 9.61
C THR A 66 1.67 -4.97 9.08
N PRO A 67 0.66 -4.56 9.87
CA PRO A 67 -0.13 -3.40 9.43
C PRO A 67 0.70 -2.14 9.19
N GLN A 68 1.67 -1.90 10.07
CA GLN A 68 2.51 -0.72 9.98
C GLN A 68 3.39 -0.70 8.73
N ASP A 69 3.85 -1.86 8.26
CA ASP A 69 4.84 -1.88 7.16
C ASP A 69 4.24 -2.11 5.79
N THR A 70 3.02 -2.63 5.74
CA THR A 70 2.38 -2.88 4.43
C THR A 70 2.48 -1.69 3.45
N PRO A 71 2.20 -0.44 3.89
CA PRO A 71 2.30 0.66 2.91
C PRO A 71 3.67 0.88 2.33
N ARG A 72 4.69 0.58 3.14
CA ARG A 72 6.06 0.64 2.67
C ARG A 72 6.40 -0.44 1.65
N PHE A 73 5.94 -1.66 1.87
CA PHE A 73 6.07 -2.69 0.83
C PHE A 73 5.32 -2.29 -0.46
N GLN A 74 4.15 -1.68 -0.28
CA GLN A 74 3.33 -1.26 -1.42
C GLN A 74 4.03 -0.16 -2.23
N GLN A 75 4.62 0.78 -1.54
CA GLN A 75 5.38 1.85 -2.15
C GLN A 75 6.59 1.31 -2.91
N LEU A 76 7.26 0.31 -2.33
CA LEU A 76 8.36 -0.32 -3.01
C LEU A 76 7.92 -1.09 -4.24
N LEU A 77 6.91 -1.95 -4.10
CA LEU A 77 6.66 -2.98 -5.10
C LEU A 77 5.46 -2.73 -6.01
N GLY A 78 4.54 -1.90 -5.55
CA GLY A 78 3.32 -1.62 -6.32
C GLY A 78 2.44 -2.82 -6.46
N ASP A 79 1.73 -2.91 -7.58
CA ASP A 79 0.88 -4.08 -7.86
C ASP A 79 1.59 -5.09 -8.75
N GLY A 80 2.86 -4.79 -9.09
CA GLY A 80 3.71 -5.74 -9.78
C GLY A 80 3.67 -5.68 -11.30
N SER A 81 2.74 -4.89 -11.83
CA SER A 81 2.50 -4.83 -13.27
C SER A 81 3.72 -4.34 -14.03
N ASN A 82 4.56 -3.50 -13.42
CA ASN A 82 5.80 -3.05 -14.09
C ASN A 82 6.80 -4.18 -14.37
N TRP A 83 6.66 -5.29 -13.66
CA TRP A 83 7.53 -6.46 -13.81
C TRP A 83 6.81 -7.66 -14.32
N GLY A 84 5.61 -7.46 -14.87
CA GLY A 84 4.84 -8.57 -15.42
C GLY A 84 4.25 -9.51 -14.33
N LEU A 85 4.10 -8.98 -13.13
CA LEU A 85 3.56 -9.73 -12.00
C LEU A 85 2.16 -9.20 -11.58
N ASP A 86 1.49 -9.95 -10.72
CA ASP A 86 0.33 -9.47 -10.00
C ASP A 86 0.57 -9.62 -8.50
N LEU A 87 0.88 -8.53 -7.83
CA LEU A 87 1.16 -8.56 -6.41
C LEU A 87 -0.05 -8.09 -5.59
N GLN A 88 -0.38 -8.84 -4.54
CA GLN A 88 -1.46 -8.50 -3.63
C GLN A 88 -0.88 -8.46 -2.21
N TYR A 89 -1.58 -7.81 -1.30
CA TYR A 89 -1.10 -7.57 0.05
C TYR A 89 -2.12 -8.00 1.12
N ALA A 90 -1.61 -8.49 2.23
CA ALA A 90 -2.43 -8.90 3.38
C ALA A 90 -1.63 -8.58 4.61
N VAL A 91 -2.32 -8.40 5.74
CA VAL A 91 -1.66 -8.01 6.96
C VAL A 91 -1.73 -9.16 7.98
N GLN A 92 -0.69 -9.27 8.78
CA GLN A 92 -0.66 -10.21 9.87
C GLN A 92 -0.64 -9.35 11.15
N PRO A 93 -1.80 -9.18 11.79
CA PRO A 93 -1.89 -8.35 12.99
C PRO A 93 -0.92 -8.78 14.08
N SER A 94 -0.77 -10.10 14.25
CA SER A 94 0.05 -10.67 15.32
C SER A 94 0.89 -11.84 14.79
N PRO A 95 2.18 -11.92 15.20
CA PRO A 95 3.06 -12.98 14.69
C PRO A 95 2.76 -14.35 15.29
N ASP A 96 1.78 -15.06 14.73
CA ASP A 96 1.26 -16.29 15.33
C ASP A 96 1.72 -17.58 14.63
N GLY A 97 2.90 -17.55 14.02
CA GLY A 97 3.48 -18.75 13.39
C GLY A 97 3.36 -18.73 11.88
N LEU A 98 4.28 -19.43 11.21
CA LEU A 98 4.40 -19.34 9.76
C LEU A 98 3.19 -19.99 9.04
N ALA A 99 2.58 -20.99 9.68
CA ALA A 99 1.48 -21.73 9.08
C ALA A 99 0.21 -20.88 9.00
N GLN A 100 0.15 -19.79 9.75
CA GLN A 100 -0.92 -18.81 9.63
C GLN A 100 -1.03 -18.20 8.24
N ALA A 101 0.03 -18.26 7.44
CA ALA A 101 0.02 -17.70 6.08
C ALA A 101 -1.11 -18.28 5.26
N PHE A 102 -1.45 -19.54 5.52
CA PHE A 102 -2.47 -20.23 4.71
C PHE A 102 -3.90 -19.88 5.11
N LEU A 103 -4.10 -19.46 6.35
CA LEU A 103 -5.40 -18.95 6.81
C LEU A 103 -5.57 -17.53 6.30
N ILE A 104 -4.60 -16.68 6.59
CA ILE A 104 -4.55 -15.33 6.03
C ILE A 104 -4.68 -15.37 4.51
N GLY A 105 -3.97 -16.30 3.88
CA GLY A 105 -3.92 -16.37 2.42
C GLY A 105 -4.97 -17.24 1.77
N GLU A 106 -5.92 -17.71 2.55
CA GLU A 106 -6.94 -18.66 2.05
C GLU A 106 -7.68 -18.23 0.80
N SER A 107 -8.21 -17.01 0.79
CA SER A 107 -9.01 -16.57 -0.35
C SER A 107 -8.12 -16.17 -1.55
N PHE A 108 -6.91 -15.74 -1.28
CA PHE A 108 -5.91 -15.51 -2.35
C PHE A 108 -5.57 -16.83 -3.05
N ILE A 109 -5.32 -17.86 -2.26
CA ILE A 109 -4.97 -19.18 -2.82
C ILE A 109 -6.13 -19.76 -3.63
N GLY A 110 -7.35 -19.71 -3.07
CA GLY A 110 -8.53 -20.23 -3.77
C GLY A 110 -8.39 -21.73 -3.94
N ASN A 111 -8.55 -22.22 -5.17
CA ASN A 111 -8.40 -23.65 -5.42
C ASN A 111 -7.06 -24.01 -6.09
N ASP A 112 -6.08 -23.12 -6.00
CA ASP A 112 -4.84 -23.32 -6.74
C ASP A 112 -3.75 -24.00 -5.95
N LEU A 113 -2.69 -24.37 -6.66
CA LEU A 113 -1.44 -24.78 -6.03
C LEU A 113 -0.79 -23.55 -5.42
N SER A 114 0.05 -23.75 -4.42
CA SER A 114 0.73 -22.64 -3.79
C SER A 114 2.20 -22.90 -3.49
N ALA A 115 2.88 -21.83 -3.10
CA ALA A 115 4.26 -21.85 -2.69
C ALA A 115 4.43 -20.79 -1.62
N LEU A 116 5.10 -21.14 -0.54
CA LEU A 116 5.43 -20.21 0.52
C LEU A 116 6.96 -19.99 0.57
N VAL A 117 7.38 -18.73 0.71
CA VAL A 117 8.77 -18.43 0.91
C VAL A 117 8.89 -17.44 2.06
N LEU A 118 9.92 -17.63 2.89
CA LEU A 118 10.16 -16.69 3.98
C LEU A 118 10.86 -15.44 3.44
N GLY A 119 10.46 -14.29 3.95
CA GLY A 119 10.92 -13.01 3.44
C GLY A 119 12.37 -12.65 3.72
N ASP A 120 13.01 -13.35 4.65
CA ASP A 120 14.41 -13.11 4.94
C ASP A 120 15.40 -14.22 4.50
N ASN A 121 15.00 -15.04 3.54
CA ASN A 121 15.85 -16.10 3.02
C ASN A 121 16.38 -15.74 1.62
N LEU A 122 17.65 -16.02 1.38
CA LEU A 122 18.21 -15.91 0.03
C LEU A 122 18.90 -17.17 -0.46
N TYR A 123 18.79 -17.40 -1.74
CA TYR A 123 19.28 -18.58 -2.39
C TYR A 123 20.16 -18.12 -3.55
N TYR A 124 21.30 -18.79 -3.72
CA TYR A 124 22.15 -18.57 -4.85
C TYR A 124 22.71 -19.91 -5.33
N GLY A 125 22.76 -20.08 -6.65
CA GLY A 125 23.45 -21.22 -7.23
C GLY A 125 22.99 -21.48 -8.64
N HIS A 126 23.45 -22.59 -9.19
CA HIS A 126 23.39 -22.88 -10.64
C HIS A 126 22.09 -23.47 -11.09
N ASP A 127 21.64 -23.04 -12.27
CA ASP A 127 20.44 -23.59 -12.89
C ASP A 127 19.32 -23.58 -11.85
N PHE A 128 19.19 -22.44 -11.18
CA PHE A 128 18.30 -22.34 -10.05
C PHE A 128 16.88 -22.32 -10.57
N HIS A 129 16.72 -21.66 -11.70
CA HIS A 129 15.50 -21.72 -12.49
C HIS A 129 15.01 -23.15 -12.74
N GLU A 130 15.95 -24.05 -13.01
CA GLU A 130 15.63 -25.45 -13.32
C GLU A 130 15.42 -26.34 -12.09
N LEU A 131 16.15 -26.10 -11.00
CA LEU A 131 15.99 -26.88 -9.75
C LEU A 131 14.65 -26.62 -9.05
N LEU A 132 14.11 -25.43 -9.25
CA LEU A 132 12.79 -25.07 -8.74
C LEU A 132 11.69 -25.59 -9.68
N GLY A 133 12.02 -25.69 -10.97
CA GLY A 133 11.09 -26.22 -11.99
C GLY A 133 10.53 -27.58 -11.65
N SER A 134 11.38 -28.51 -11.23
CA SER A 134 10.93 -29.85 -10.82
C SER A 134 9.99 -29.83 -9.61
N ALA A 135 10.24 -28.93 -8.67
CA ALA A 135 9.38 -28.79 -7.50
C ALA A 135 8.07 -28.12 -7.89
N SER A 136 8.16 -27.09 -8.73
CA SER A 136 6.99 -26.26 -9.08
C SER A 136 5.99 -27.03 -9.95
N GLN A 137 6.50 -27.94 -10.79
CA GLN A 137 5.72 -28.75 -11.73
C GLN A 137 4.99 -29.92 -11.10
N ARG A 138 5.56 -30.44 -10.03
CA ARG A 138 4.93 -31.52 -9.25
C ARG A 138 3.59 -31.04 -8.68
N GLN A 139 2.50 -31.54 -9.23
CA GLN A 139 1.18 -31.03 -8.91
C GLN A 139 0.49 -31.67 -7.73
N THR A 140 1.16 -32.63 -7.11
CA THR A 140 0.55 -33.38 -6.04
C THR A 140 1.49 -33.40 -4.87
N GLY A 141 0.93 -33.38 -3.68
CA GLY A 141 1.71 -33.44 -2.48
C GLY A 141 2.47 -32.14 -2.26
N ALA A 142 3.48 -32.23 -1.38
CA ALA A 142 4.30 -31.09 -0.99
C ALA A 142 5.75 -31.31 -1.37
N SER A 143 6.48 -30.22 -1.59
CA SER A 143 7.95 -30.30 -1.82
C SER A 143 8.70 -29.31 -0.98
N VAL A 144 9.77 -29.78 -0.36
CA VAL A 144 10.67 -28.93 0.37
C VAL A 144 12.09 -29.32 0.01
N PHE A 145 13.03 -28.48 0.43
CA PHE A 145 14.45 -28.70 0.20
C PHE A 145 15.19 -28.82 1.54
N ALA A 146 16.12 -29.76 1.60
CA ALA A 146 16.95 -29.92 2.77
C ALA A 146 18.37 -29.49 2.46
N TYR A 147 19.02 -28.87 3.41
CA TYR A 147 20.34 -28.27 3.22
C TYR A 147 21.19 -28.46 4.44
N HIS A 148 22.42 -28.89 4.22
CA HIS A 148 23.40 -29.11 5.29
C HIS A 148 23.81 -27.87 5.93
N VAL A 149 23.61 -27.78 7.25
CA VAL A 149 23.97 -26.57 8.02
C VAL A 149 24.77 -26.98 9.26
N LEU A 150 25.45 -26.02 9.84
CA LEU A 150 26.31 -26.20 10.98
C LEU A 150 25.50 -26.27 12.30
N ASP A 151 24.37 -25.56 12.33
CA ASP A 151 23.53 -25.41 13.55
C ASP A 151 22.12 -25.85 13.29
N PRO A 152 21.91 -27.16 13.03
CA PRO A 152 20.59 -27.60 12.66
C PRO A 152 19.50 -27.41 13.74
N GLU A 153 19.91 -27.26 14.99
CA GLU A 153 19.02 -27.03 16.14
C GLU A 153 18.13 -25.79 15.97
N ARG A 154 18.46 -24.88 15.04
CA ARG A 154 17.69 -23.66 14.84
C ARG A 154 16.55 -23.85 13.89
N TYR A 155 16.48 -25.01 13.23
CA TYR A 155 15.55 -25.20 12.13
C TYR A 155 14.66 -26.41 12.31
N GLY A 156 13.81 -26.62 11.32
CA GLY A 156 13.19 -27.90 11.05
C GLY A 156 14.21 -28.85 10.47
N VAL A 157 14.33 -30.03 11.07
CA VAL A 157 15.41 -30.97 10.76
C VAL A 157 14.81 -32.22 10.22
N VAL A 158 15.39 -32.71 9.12
CA VAL A 158 14.90 -33.92 8.48
C VAL A 158 15.87 -35.06 8.73
N GLU A 159 15.30 -36.21 9.12
CA GLU A 159 16.07 -37.44 9.34
C GLU A 159 15.82 -38.36 8.19
N PHE A 160 16.90 -38.98 7.72
CA PHE A 160 16.82 -39.89 6.58
C PHE A 160 17.13 -41.30 7.05
N ASP A 161 16.53 -42.29 6.40
CA ASP A 161 16.92 -43.71 6.63
C ASP A 161 18.17 -44.06 5.79
N GLN A 162 18.61 -45.31 5.88
CA GLN A 162 19.82 -45.77 5.20
C GLN A 162 19.79 -45.64 3.68
N GLY A 163 18.59 -45.65 3.10
CA GLY A 163 18.46 -45.49 1.65
C GLY A 163 18.16 -44.05 1.24
N GLY A 164 18.34 -43.11 2.16
CA GLY A 164 18.16 -41.67 1.83
C GLY A 164 16.73 -41.21 1.73
N LYS A 165 15.82 -41.92 2.42
CA LYS A 165 14.41 -41.58 2.44
C LYS A 165 14.11 -40.82 3.71
N ALA A 166 13.33 -39.76 3.58
CA ALA A 166 12.97 -38.92 4.72
C ALA A 166 11.97 -39.65 5.60
N ILE A 167 12.28 -39.83 6.87
CA ILE A 167 11.39 -40.56 7.80
C ILE A 167 10.93 -39.79 9.02
N SER A 168 11.48 -38.62 9.26
CA SER A 168 11.14 -37.84 10.45
C SER A 168 11.49 -36.36 10.25
N LEU A 169 10.64 -35.49 10.80
CA LEU A 169 10.84 -34.06 10.86
C LEU A 169 10.67 -33.62 12.28
N GLU A 170 11.57 -32.78 12.76
CA GLU A 170 11.50 -32.25 14.12
C GLU A 170 11.74 -30.75 14.06
N GLU A 171 10.98 -29.99 14.82
CA GLU A 171 11.13 -28.55 14.86
C GLU A 171 12.13 -28.16 15.97
N LYS A 172 13.21 -27.50 15.59
CA LYS A 172 14.24 -27.04 16.53
C LYS A 172 14.66 -28.06 17.61
N PRO A 173 15.10 -29.26 17.20
CA PRO A 173 15.44 -30.27 18.20
C PRO A 173 16.71 -29.93 18.96
N LEU A 174 16.72 -30.18 20.27
CA LEU A 174 17.92 -30.00 21.06
C LEU A 174 19.00 -30.98 20.63
N GLU A 175 18.60 -32.13 20.11
CA GLU A 175 19.53 -33.15 19.67
C GLU A 175 19.21 -33.56 18.26
N PRO A 176 19.77 -32.81 17.29
CA PRO A 176 19.29 -33.07 15.93
C PRO A 176 19.71 -34.43 15.41
N LYS A 177 18.82 -35.05 14.65
CA LYS A 177 19.05 -36.35 14.08
C LYS A 177 19.96 -36.33 12.85
N SER A 178 20.08 -35.14 12.22
CA SER A 178 20.99 -34.93 11.10
C SER A 178 21.39 -33.44 11.04
N ASN A 179 22.20 -33.06 10.06
CA ASN A 179 22.57 -31.67 9.90
C ASN A 179 21.76 -31.08 8.73
N TYR A 180 20.71 -31.78 8.29
CA TYR A 180 19.85 -31.35 7.22
C TYR A 180 18.64 -30.52 7.64
N ALA A 181 18.74 -29.19 7.42
CA ALA A 181 17.67 -28.24 7.74
C ALA A 181 16.71 -28.09 6.57
N VAL A 182 15.45 -27.82 6.84
CA VAL A 182 14.47 -27.53 5.82
C VAL A 182 14.58 -26.05 5.50
N THR A 183 14.75 -25.71 4.21
CA THR A 183 14.99 -24.31 3.87
C THR A 183 13.65 -23.59 3.88
N GLY A 184 13.68 -22.26 3.74
CA GLY A 184 12.47 -21.43 3.82
C GLY A 184 11.72 -21.28 2.52
N LEU A 185 11.60 -22.37 1.76
CA LEU A 185 10.84 -22.40 0.54
C LEU A 185 10.04 -23.69 0.47
N TYR A 186 8.71 -23.56 0.32
CA TYR A 186 7.80 -24.72 0.39
C TYR A 186 6.75 -24.70 -0.73
N PHE A 187 6.59 -25.84 -1.39
CA PHE A 187 5.58 -25.99 -2.43
C PHE A 187 4.44 -26.91 -1.94
N TYR A 188 3.18 -26.49 -2.14
CA TYR A 188 2.01 -27.23 -1.67
C TYR A 188 0.97 -27.38 -2.75
N ASP A 189 0.17 -28.43 -2.62
CA ASP A 189 -0.96 -28.69 -3.48
C ASP A 189 -2.20 -28.11 -2.80
N GLN A 190 -3.40 -28.51 -3.24
CA GLN A 190 -4.67 -27.92 -2.76
C GLN A 190 -5.08 -28.32 -1.33
N GLN A 191 -4.34 -29.21 -0.69
CA GLN A 191 -4.70 -29.69 0.67
C GLN A 191 -4.17 -28.83 1.79
N VAL A 192 -3.25 -27.90 1.49
CA VAL A 192 -2.54 -27.22 2.56
C VAL A 192 -3.44 -26.35 3.42
N VAL A 193 -4.40 -25.67 2.80
CA VAL A 193 -5.28 -24.78 3.57
C VAL A 193 -6.05 -25.60 4.63
N ASP A 194 -6.64 -26.72 4.21
CA ASP A 194 -7.33 -27.66 5.12
C ASP A 194 -6.43 -28.25 6.19
N ILE A 195 -5.20 -28.63 5.82
CA ILE A 195 -4.22 -29.05 6.82
C ILE A 195 -3.92 -27.95 7.84
N ALA A 196 -3.73 -26.73 7.36
CA ALA A 196 -3.44 -25.57 8.22
C ALA A 196 -4.60 -25.25 9.17
N ARG A 197 -5.83 -25.25 8.67
CA ARG A 197 -7.01 -24.95 9.51
C ARG A 197 -7.15 -25.93 10.68
N ASP A 198 -6.80 -27.20 10.46
CA ASP A 198 -6.87 -28.22 11.51
C ASP A 198 -5.70 -28.21 12.50
N LEU A 199 -4.72 -27.33 12.33
CA LEU A 199 -3.58 -27.30 13.25
C LEU A 199 -3.98 -26.73 14.59
N LYS A 200 -3.35 -27.23 15.64
CA LYS A 200 -3.48 -26.67 16.97
C LYS A 200 -2.14 -25.98 17.30
N PRO A 201 -2.15 -24.83 18.00
CA PRO A 201 -0.88 -24.19 18.36
C PRO A 201 0.11 -25.10 19.11
N SER A 202 1.39 -24.82 18.93
CA SER A 202 2.48 -25.53 19.60
C SER A 202 2.58 -25.04 21.06
N PRO A 203 3.46 -25.67 21.86
CA PRO A 203 3.68 -25.16 23.22
C PRO A 203 4.18 -23.71 23.30
N ARG A 204 4.69 -23.17 22.18
CA ARG A 204 5.14 -21.77 22.11
C ARG A 204 4.05 -20.79 21.71
N GLY A 205 2.92 -21.32 21.28
CA GLY A 205 1.78 -20.49 20.89
C GLY A 205 1.83 -20.07 19.42
N GLU A 206 2.28 -20.99 18.57
CA GLU A 206 2.47 -20.71 17.14
C GLU A 206 1.99 -21.87 16.27
N LEU A 207 1.45 -21.54 15.11
CA LEU A 207 1.07 -22.55 14.11
C LEU A 207 2.30 -22.86 13.25
N GLU A 208 2.87 -24.03 13.47
CA GLU A 208 4.18 -24.42 12.93
C GLU A 208 4.09 -24.98 11.54
N ILE A 209 4.95 -24.51 10.65
CA ILE A 209 5.02 -25.07 9.31
C ILE A 209 5.53 -26.52 9.36
N THR A 210 6.35 -26.88 10.34
CA THR A 210 6.83 -28.27 10.41
C THR A 210 5.70 -29.29 10.64
N ASP A 211 4.64 -28.86 11.33
CA ASP A 211 3.45 -29.71 11.51
C ASP A 211 2.71 -29.87 10.21
N VAL A 212 2.62 -28.80 9.42
CA VAL A 212 2.05 -28.93 8.08
C VAL A 212 2.84 -29.92 7.24
N ASN A 213 4.17 -29.80 7.26
CA ASN A 213 5.04 -30.69 6.49
C ASN A 213 4.98 -32.14 7.02
N ARG A 214 4.91 -32.30 8.34
CA ARG A 214 4.72 -33.64 8.95
C ARG A 214 3.42 -34.32 8.48
N ALA A 215 2.36 -33.54 8.36
CA ALA A 215 1.08 -34.02 7.85
C ALA A 215 1.22 -34.62 6.47
N TYR A 216 1.96 -33.96 5.57
CA TYR A 216 2.19 -34.50 4.24
C TYR A 216 3.10 -35.75 4.29
N LEU A 217 4.07 -35.74 5.19
CA LEU A 217 5.02 -36.85 5.30
C LEU A 217 4.26 -38.14 5.75
N GLU A 218 3.39 -38.00 6.75
CA GLU A 218 2.58 -39.14 7.26
C GLU A 218 1.62 -39.72 6.22
N ARG A 219 1.20 -38.92 5.24
CA ARG A 219 0.43 -39.41 4.09
C ARG A 219 1.30 -39.87 2.92
N GLY A 220 2.62 -39.90 3.12
CA GLY A 220 3.55 -40.27 2.04
C GLY A 220 3.51 -39.29 0.86
N GLN A 221 3.21 -38.02 1.11
CA GLN A 221 3.12 -37.05 0.01
C GLN A 221 4.13 -35.89 0.12
N LEU A 222 5.16 -36.07 0.96
CA LEU A 222 6.27 -35.12 1.08
C LEU A 222 7.49 -35.55 0.28
N SER A 223 7.77 -34.81 -0.80
CA SER A 223 9.05 -34.87 -1.48
C SER A 223 10.10 -33.95 -0.80
N VAL A 224 11.19 -34.54 -0.34
CA VAL A 224 12.28 -33.82 0.25
C VAL A 224 13.47 -33.89 -0.72
N GLU A 225 13.76 -32.80 -1.42
CA GLU A 225 14.91 -32.76 -2.31
C GLU A 225 16.13 -32.21 -1.58
N ILE A 226 17.32 -32.75 -1.84
CA ILE A 226 18.56 -32.20 -1.32
C ILE A 226 19.03 -30.95 -2.13
N MET A 227 19.22 -29.83 -1.45
CA MET A 227 19.91 -28.66 -2.01
C MET A 227 21.36 -28.83 -1.59
N GLY A 228 22.21 -29.08 -2.58
CA GLY A 228 23.57 -29.50 -2.37
C GLY A 228 24.46 -28.42 -1.85
N ARG A 229 25.66 -28.83 -1.46
CA ARG A 229 26.65 -27.95 -0.85
C ARG A 229 27.13 -26.83 -1.81
N GLY A 230 26.94 -27.05 -3.10
CA GLY A 230 27.26 -26.04 -4.11
C GLY A 230 26.22 -24.95 -4.26
N TYR A 231 25.12 -25.01 -3.48
CA TYR A 231 24.19 -23.88 -3.33
C TYR A 231 24.42 -23.11 -2.07
N ALA A 232 24.17 -21.80 -2.11
CA ALA A 232 24.21 -20.96 -0.93
C ALA A 232 22.80 -20.66 -0.51
N TRP A 233 22.44 -21.08 0.72
CA TRP A 233 21.18 -20.72 1.32
C TRP A 233 21.54 -19.95 2.53
N LEU A 234 21.19 -18.68 2.54
CA LEU A 234 21.58 -17.83 3.64
C LEU A 234 20.33 -17.29 4.31
N ASP A 235 20.46 -17.03 5.58
CA ASP A 235 19.42 -16.26 6.17
C ASP A 235 20.02 -15.14 7.01
N THR A 236 19.13 -14.23 7.28
CA THR A 236 19.51 -12.95 7.73
C THR A 236 18.93 -12.72 9.10
N GLY A 237 19.04 -13.71 9.99
CA GLY A 237 18.38 -13.71 11.29
C GLY A 237 19.16 -13.14 12.48
N THR A 238 20.44 -12.87 12.29
CA THR A 238 21.17 -12.06 13.23
C THR A 238 21.82 -10.84 12.50
N HIS A 239 22.32 -9.91 13.28
CA HIS A 239 23.07 -8.78 12.76
C HIS A 239 24.29 -9.26 12.04
N ASP A 240 24.95 -10.28 12.59
CA ASP A 240 26.14 -10.88 11.96
C ASP A 240 25.86 -11.58 10.67
N SER A 241 24.78 -12.35 10.61
CA SER A 241 24.48 -13.07 9.38
C SER A 241 24.01 -12.12 8.25
N LEU A 242 23.35 -11.02 8.61
CA LEU A 242 22.86 -10.03 7.66
C LEU A 242 24.08 -9.32 6.98
N LEU A 243 25.08 -8.99 7.77
CA LEU A 243 26.35 -8.48 7.30
C LEU A 243 27.09 -9.43 6.37
N GLU A 244 27.14 -10.72 6.75
CA GLU A 244 27.77 -11.75 5.96
C GLU A 244 27.06 -11.94 4.64
N ALA A 245 25.72 -11.90 4.65
CA ALA A 245 24.95 -12.05 3.46
C ALA A 245 25.27 -10.84 2.44
N GLY A 246 25.30 -9.63 2.96
CA GLY A 246 25.72 -8.42 2.24
C GLY A 246 27.11 -8.55 1.58
N GLN A 247 28.12 -8.99 2.35
CA GLN A 247 29.44 -9.25 1.82
CA GLN A 247 29.47 -9.25 1.81
C GLN A 247 29.48 -10.33 0.73
N PHE A 248 28.69 -11.39 0.94
CA PHE A 248 28.60 -12.47 0.00
C PHE A 248 28.04 -11.96 -1.36
N ILE A 249 26.93 -11.21 -1.34
CA ILE A 249 26.29 -10.73 -2.53
C ILE A 249 27.21 -9.69 -3.24
N ALA A 250 27.84 -8.80 -2.48
CA ALA A 250 28.83 -7.82 -3.01
C ALA A 250 30.01 -8.49 -3.74
N THR A 251 30.55 -9.54 -3.15
CA THR A 251 31.62 -10.30 -3.77
C THR A 251 31.21 -10.92 -5.09
N LEU A 252 30.08 -11.59 -5.10
CA LEU A 252 29.54 -12.13 -6.39
C LEU A 252 29.26 -11.04 -7.45
N GLU A 253 28.59 -9.95 -7.07
CA GLU A 253 28.19 -8.92 -8.03
C GLU A 253 29.40 -8.16 -8.59
N ASN A 254 30.34 -7.84 -7.73
CA ASN A 254 31.53 -7.14 -8.11
C ASN A 254 32.51 -7.99 -8.89
N ARG A 255 32.44 -9.31 -8.71
CA ARG A 255 33.22 -10.21 -9.51
C ARG A 255 32.65 -10.37 -10.93
N GLN A 256 31.35 -10.59 -11.00
CA GLN A 256 30.68 -10.95 -12.24
C GLN A 256 30.17 -9.79 -13.10
N GLY A 257 29.87 -8.67 -12.47
CA GLY A 257 29.12 -7.62 -13.09
C GLY A 257 27.73 -8.07 -13.42
N LEU A 258 27.20 -9.04 -12.64
CA LEU A 258 25.86 -9.53 -12.79
C LEU A 258 25.21 -9.49 -11.40
N LYS A 259 23.94 -9.09 -11.34
CA LYS A 259 23.31 -8.91 -10.08
C LYS A 259 22.62 -10.21 -9.64
N VAL A 260 22.57 -10.41 -8.34
CA VAL A 260 21.73 -11.46 -7.75
C VAL A 260 20.35 -10.86 -7.43
N ALA A 261 19.28 -11.54 -7.86
CA ALA A 261 17.90 -11.20 -7.43
C ALA A 261 17.50 -9.78 -7.86
N CYS A 262 17.78 -9.43 -9.11
CA CYS A 262 17.23 -8.23 -9.74
C CYS A 262 15.93 -8.63 -10.41
N PRO A 263 14.77 -8.24 -9.84
CA PRO A 263 13.49 -8.65 -10.40
C PRO A 263 13.24 -8.20 -11.86
N GLU A 264 13.65 -6.99 -12.19
CA GLU A 264 13.52 -6.49 -13.58
C GLU A 264 14.20 -7.40 -14.53
N GLU A 265 15.44 -7.79 -14.20
CA GLU A 265 16.19 -8.78 -15.00
C GLU A 265 15.53 -10.10 -15.13
N ILE A 266 15.05 -10.63 -14.00
CA ILE A 266 14.42 -11.94 -14.05
C ILE A 266 13.16 -11.90 -14.90
N ALA A 267 12.36 -10.84 -14.75
CA ALA A 267 11.14 -10.73 -15.53
C ALA A 267 11.48 -10.60 -17.07
N TYR A 268 12.51 -9.84 -17.38
CA TYR A 268 12.98 -9.73 -18.79
C TYR A 268 13.43 -11.07 -19.36
N ARG A 269 14.26 -11.80 -18.61
CA ARG A 269 14.72 -13.13 -19.08
C ARG A 269 13.62 -14.17 -19.13
N GLN A 270 12.61 -14.02 -18.28
CA GLN A 270 11.44 -14.93 -18.32
C GLN A 270 10.44 -14.61 -19.48
N LYS A 271 10.66 -13.49 -20.14
CA LYS A 271 9.79 -12.95 -21.20
C LYS A 271 8.46 -12.40 -20.66
N TRP A 272 8.44 -12.01 -19.39
CA TRP A 272 7.27 -11.38 -18.79
C TRP A 272 7.17 -9.92 -19.07
N ILE A 273 8.30 -9.28 -19.34
CA ILE A 273 8.31 -7.91 -19.83
C ILE A 273 9.25 -7.90 -21.01
N ASP A 274 9.11 -6.93 -21.92
CA ASP A 274 9.97 -6.89 -23.11
C ASP A 274 11.03 -5.77 -23.04
N ALA A 275 11.84 -5.68 -24.07
CA ALA A 275 12.93 -4.68 -24.16
C ALA A 275 12.46 -3.25 -23.93
N ALA A 276 11.35 -2.87 -24.53
CA ALA A 276 10.82 -1.52 -24.37
C ALA A 276 10.43 -1.23 -22.92
N GLN A 277 9.77 -2.19 -22.27
CA GLN A 277 9.35 -2.05 -20.87
C GLN A 277 10.57 -1.97 -19.93
N LEU A 278 11.55 -2.84 -20.14
CA LEU A 278 12.80 -2.79 -19.37
C LEU A 278 13.51 -1.45 -19.53
N GLU A 279 13.49 -0.89 -20.74
CA GLU A 279 14.07 0.46 -20.97
C GLU A 279 13.35 1.55 -20.19
N LYS A 280 12.03 1.49 -20.14
CA LYS A 280 11.25 2.43 -19.30
C LYS A 280 11.64 2.34 -17.83
N LEU A 281 11.79 1.11 -17.33
CA LEU A 281 12.14 0.90 -15.92
C LEU A 281 13.50 1.44 -15.57
N ALA A 282 14.43 1.36 -16.54
CA ALA A 282 15.79 1.86 -16.33
C ALA A 282 15.86 3.40 -16.27
N ALA A 283 14.97 4.10 -16.99
CA ALA A 283 14.99 5.57 -17.08
C ALA A 283 15.08 6.34 -15.75
N PRO A 284 14.13 6.11 -14.81
CA PRO A 284 14.17 6.85 -13.52
C PRO A 284 15.43 6.60 -12.70
N LEU A 285 16.03 5.44 -12.90
CA LEU A 285 17.26 5.05 -12.20
C LEU A 285 18.56 5.25 -13.02
N ALA A 286 18.46 5.86 -14.21
CA ALA A 286 19.61 5.99 -15.16
C ALA A 286 20.90 6.57 -14.55
N LYS A 287 20.75 7.45 -13.58
CA LYS A 287 21.88 8.10 -12.92
C LYS A 287 22.69 7.18 -11.98
N ASN A 288 22.08 6.12 -11.45
CA ASN A 288 22.80 5.22 -10.54
C ASN A 288 23.13 3.88 -11.17
N GLY A 289 23.95 3.10 -10.46
CA GLY A 289 24.46 1.82 -10.96
C GLY A 289 23.37 0.82 -11.32
N TYR A 290 22.24 0.89 -10.64
CA TYR A 290 21.18 -0.09 -10.81
C TYR A 290 20.47 0.18 -12.13
N GLY A 291 20.14 1.43 -12.39
CA GLY A 291 19.63 1.86 -13.71
C GLY A 291 20.58 1.58 -14.86
N GLN A 292 21.87 1.83 -14.65
CA GLN A 292 22.89 1.56 -15.69
C GLN A 292 22.98 0.05 -15.98
N TYR A 293 22.81 -0.75 -14.93
CA TYR A 293 22.82 -2.19 -15.09
C TYR A 293 21.64 -2.67 -15.90
N LEU A 294 20.46 -2.13 -15.64
CA LEU A 294 19.27 -2.52 -16.43
C LEU A 294 19.39 -2.13 -17.91
N LYS A 295 20.01 -0.97 -18.16
CA LYS A 295 20.30 -0.51 -19.53
C LYS A 295 21.31 -1.43 -20.24
N ARG A 296 22.39 -1.79 -19.57
CA ARG A 296 23.35 -2.77 -20.12
C ARG A 296 22.74 -4.11 -20.48
N LEU A 297 21.73 -4.57 -19.74
CA LEU A 297 21.07 -5.84 -20.06
C LEU A 297 20.44 -5.89 -21.45
N LEU A 298 20.02 -4.74 -21.96
CA LEU A 298 19.36 -4.66 -23.28
C LEU A 298 20.32 -4.99 -24.44
N THR A 299 21.60 -4.66 -24.26
CA THR A 299 22.61 -4.75 -25.32
C THR A 299 23.76 -5.73 -24.99
N GLU A 300 23.42 -6.83 -24.31
CA GLU A 300 24.38 -7.87 -24.00
C GLU A 300 23.68 -9.22 -24.02
N THR A 301 24.38 -10.25 -24.46
CA THR A 301 23.88 -11.64 -24.37
C THR A 301 24.54 -12.30 -23.14
N VAL A 302 23.73 -12.72 -22.16
CA VAL A 302 24.23 -13.45 -20.98
C VAL A 302 23.79 -14.87 -21.16
N TYR A 303 24.77 -15.80 -21.14
CA TYR A 303 24.51 -17.22 -21.35
C TYR A 303 24.25 -17.92 -20.01
N MET B 11 -1.68 22.41 21.56
CA MET B 11 -1.57 20.91 21.62
C MET B 11 -2.06 20.28 20.30
N LYS B 12 -1.43 19.17 19.94
CA LYS B 12 -1.78 18.40 18.73
C LYS B 12 -3.09 17.67 18.87
N ARG B 13 -3.88 17.63 17.79
CA ARG B 13 -5.08 16.79 17.74
C ARG B 13 -4.91 15.70 16.68
N LYS B 14 -5.18 14.46 17.08
CA LYS B 14 -5.04 13.30 16.23
C LYS B 14 -6.43 12.90 15.75
N GLY B 15 -6.50 12.30 14.58
CA GLY B 15 -7.77 11.89 14.03
C GLY B 15 -7.91 10.41 13.90
N ILE B 16 -9.16 9.94 14.03
CA ILE B 16 -9.45 8.55 13.76
C ILE B 16 -10.62 8.48 12.81
N ILE B 17 -10.48 7.64 11.77
CA ILE B 17 -11.59 7.33 10.90
C ILE B 17 -11.98 5.88 11.10
N LEU B 18 -13.23 5.69 11.48
CA LEU B 18 -13.72 4.34 11.69
C LEU B 18 -14.38 3.89 10.42
N ALA B 19 -13.74 2.94 9.75
CA ALA B 19 -14.16 2.48 8.46
C ALA B 19 -14.40 0.96 8.54
N GLY B 20 -15.35 0.58 9.39
CA GLY B 20 -15.51 -0.79 9.81
C GLY B 20 -16.27 -1.67 8.86
N GLY B 21 -16.49 -2.91 9.30
CA GLY B 21 -17.07 -3.95 8.47
C GLY B 21 -18.55 -3.73 8.36
N SER B 22 -19.03 -3.50 7.15
CA SER B 22 -20.44 -3.21 6.93
C SER B 22 -21.31 -4.47 7.11
N GLY B 23 -20.70 -5.56 7.57
CA GLY B 23 -21.39 -6.85 7.71
C GLY B 23 -21.80 -7.41 6.36
N THR B 24 -23.06 -7.84 6.27
CA THR B 24 -23.66 -8.30 5.02
C THR B 24 -24.76 -7.38 4.47
N ARG B 25 -24.97 -6.22 5.10
CA ARG B 25 -26.13 -5.33 4.80
C ARG B 25 -26.17 -4.81 3.35
N LEU B 26 -25.00 -4.54 2.75
CA LEU B 26 -24.96 -4.04 1.38
C LEU B 26 -24.49 -5.10 0.40
N HIS B 27 -24.52 -6.37 0.80
CA HIS B 27 -24.14 -7.45 -0.12
C HIS B 27 -25.21 -7.55 -1.17
N PRO B 28 -24.82 -7.95 -2.40
CA PRO B 28 -23.49 -8.35 -2.85
C PRO B 28 -22.61 -7.22 -3.38
N ALA B 29 -23.09 -5.98 -3.40
CA ALA B 29 -22.28 -4.81 -3.87
C ALA B 29 -20.92 -4.75 -3.16
N THR B 30 -20.96 -4.93 -1.84
CA THR B 30 -19.77 -4.91 -0.99
C THR B 30 -19.00 -6.25 -0.87
N LEU B 31 -19.39 -7.28 -1.65
CA LEU B 31 -18.58 -8.50 -1.83
C LEU B 31 -17.38 -8.17 -2.73
N ALA B 32 -17.52 -7.14 -3.54
CA ALA B 32 -16.39 -6.56 -4.29
C ALA B 32 -15.43 -5.75 -3.40
N ILE B 33 -15.98 -4.97 -2.46
CA ILE B 33 -15.15 -4.21 -1.48
C ILE B 33 -15.91 -3.63 -0.29
N SER B 34 -15.19 -3.26 0.77
CA SER B 34 -15.79 -2.59 1.93
C SER B 34 -16.53 -1.34 1.52
N LYS B 35 -17.54 -0.99 2.31
CA LYS B 35 -18.43 0.08 1.99
C LYS B 35 -17.67 1.37 1.74
N GLN B 36 -16.63 1.65 2.53
CA GLN B 36 -15.96 2.95 2.47
C GLN B 36 -14.98 3.08 1.28
N LEU B 37 -14.86 2.03 0.48
CA LEU B 37 -14.17 2.07 -0.80
C LEU B 37 -15.12 2.28 -1.98
N LEU B 38 -16.42 2.17 -1.77
CA LEU B 38 -17.38 2.47 -2.84
C LEU B 38 -17.32 3.95 -3.18
N PRO B 39 -17.52 4.29 -4.44
CA PRO B 39 -17.45 5.71 -4.76
C PRO B 39 -18.75 6.46 -4.43
N VAL B 40 -18.60 7.70 -3.98
CA VAL B 40 -19.68 8.65 -3.99
C VAL B 40 -19.41 9.59 -5.18
N TYR B 41 -20.15 9.36 -6.26
CA TYR B 41 -19.96 10.03 -7.58
C TYR B 41 -18.58 9.70 -8.16
N ASP B 42 -17.57 10.46 -7.81
CA ASP B 42 -16.33 10.44 -8.56
C ASP B 42 -15.10 10.12 -7.73
N LYS B 43 -15.29 9.73 -6.47
CA LYS B 43 -14.19 9.49 -5.60
C LYS B 43 -14.62 8.55 -4.50
N PRO B 44 -13.69 7.76 -3.96
CA PRO B 44 -14.04 6.82 -2.87
C PRO B 44 -14.68 7.46 -1.65
N MET B 45 -15.59 6.72 -1.00
CA MET B 45 -16.34 7.26 0.09
C MET B 45 -15.40 7.83 1.08
N ILE B 46 -14.28 7.16 1.31
CA ILE B 46 -13.42 7.51 2.45
C ILE B 46 -12.77 8.85 2.28
N TYR B 47 -12.69 9.36 1.03
CA TYR B 47 -12.14 10.72 0.83
C TYR B 47 -12.92 11.84 1.54
N TYR B 48 -14.23 11.62 1.71
CA TYR B 48 -15.13 12.62 2.34
C TYR B 48 -14.88 12.81 3.83
N PRO B 49 -14.96 11.75 4.68
CA PRO B 49 -14.53 11.92 6.09
C PRO B 49 -13.04 12.29 6.29
N LEU B 50 -12.15 11.82 5.41
CA LEU B 50 -10.74 12.24 5.48
C LEU B 50 -10.62 13.75 5.25
N SER B 51 -11.35 14.26 4.27
CA SER B 51 -11.35 15.71 4.00
C SER B 51 -11.92 16.48 5.18
N THR B 52 -12.93 15.93 5.84
CA THR B 52 -13.46 16.60 7.04
C THR B 52 -12.37 16.76 8.10
N LEU B 53 -11.66 15.67 8.39
CA LEU B 53 -10.57 15.74 9.39
C LEU B 53 -9.54 16.76 8.94
N MET B 54 -9.17 16.72 7.66
CA MET B 54 -8.19 17.70 7.13
C MET B 54 -8.66 19.13 7.29
N LEU B 55 -9.95 19.37 7.05
CA LEU B 55 -10.49 20.72 7.17
C LEU B 55 -10.50 21.21 8.59
N ALA B 56 -10.55 20.29 9.56
CA ALA B 56 -10.35 20.65 10.96
C ALA B 56 -8.87 20.91 11.35
N GLY B 57 -7.95 20.80 10.41
CA GLY B 57 -6.53 21.00 10.67
C GLY B 57 -5.78 19.76 11.14
N ILE B 58 -6.41 18.58 11.06
CA ILE B 58 -5.81 17.37 11.54
C ILE B 58 -5.00 16.66 10.47
N ARG B 59 -3.74 16.40 10.76
CA ARG B 59 -2.80 15.79 9.81
C ARG B 59 -2.39 14.36 10.15
N GLU B 60 -2.56 13.97 11.41
CA GLU B 60 -2.12 12.68 11.87
C GLU B 60 -3.36 11.87 12.10
N ILE B 61 -3.55 10.83 11.29
CA ILE B 61 -4.85 10.13 11.22
C ILE B 61 -4.68 8.61 11.24
N LEU B 62 -5.44 7.97 12.11
CA LEU B 62 -5.53 6.51 12.18
C LEU B 62 -6.77 6.01 11.47
N ILE B 63 -6.61 5.12 10.49
CA ILE B 63 -7.74 4.46 9.85
C ILE B 63 -7.93 3.06 10.47
N ILE B 64 -9.14 2.79 10.96
CA ILE B 64 -9.48 1.48 11.57
C ILE B 64 -10.47 0.75 10.69
N SER B 65 -10.12 -0.47 10.30
CA SER B 65 -10.96 -1.26 9.43
C SER B 65 -10.71 -2.73 9.66
N THR B 66 -11.41 -3.58 8.92
CA THR B 66 -11.29 -5.02 9.12
C THR B 66 -9.91 -5.50 8.63
N PRO B 67 -9.50 -6.69 9.07
CA PRO B 67 -8.22 -7.22 8.57
C PRO B 67 -8.18 -7.32 7.04
N GLN B 68 -9.29 -7.67 6.43
CA GLN B 68 -9.38 -7.83 5.00
C GLN B 68 -9.32 -6.49 4.23
N ASP B 69 -9.84 -5.45 4.85
CA ASP B 69 -9.97 -4.19 4.16
C ASP B 69 -8.76 -3.28 4.33
N THR B 70 -8.03 -3.45 5.43
CA THR B 70 -6.92 -2.60 5.75
C THR B 70 -5.93 -2.48 4.59
N PRO B 71 -5.54 -3.60 3.96
CA PRO B 71 -4.59 -3.49 2.85
C PRO B 71 -5.14 -2.70 1.69
N ARG B 72 -6.45 -2.74 1.50
CA ARG B 72 -7.09 -1.99 0.41
C ARG B 72 -7.11 -0.50 0.66
N PHE B 73 -7.40 -0.09 1.88
CA PHE B 73 -7.25 1.31 2.27
C PHE B 73 -5.81 1.75 2.12
N GLN B 74 -4.88 0.87 2.48
CA GLN B 74 -3.44 1.18 2.45
C GLN B 74 -2.96 1.39 1.00
N GLN B 75 -3.44 0.53 0.12
CA GLN B 75 -3.16 0.66 -1.27
C GLN B 75 -3.74 1.94 -1.86
N LEU B 76 -4.96 2.30 -1.46
CA LEU B 76 -5.52 3.56 -1.90
C LEU B 76 -4.76 4.78 -1.37
N LEU B 77 -4.51 4.82 -0.07
CA LEU B 77 -4.09 6.06 0.61
C LEU B 77 -2.62 6.16 1.00
N GLY B 78 -1.95 5.01 1.13
CA GLY B 78 -0.53 4.99 1.51
C GLY B 78 -0.35 5.48 2.92
N ASP B 79 0.76 6.14 3.16
CA ASP B 79 1.04 6.71 4.48
C ASP B 79 0.64 8.18 4.55
N GLY B 80 0.12 8.74 3.47
CA GLY B 80 -0.41 10.08 3.44
C GLY B 80 0.58 11.18 3.09
N SER B 81 1.86 10.83 3.01
CA SER B 81 2.94 11.81 2.85
C SER B 81 2.79 12.61 1.57
N ASN B 82 2.23 12.02 0.52
CA ASN B 82 1.97 12.76 -0.73
C ASN B 82 1.03 13.96 -0.56
N TRP B 83 0.22 13.93 0.51
CA TRP B 83 -0.76 14.99 0.79
C TRP B 83 -0.45 15.70 2.04
N GLY B 84 0.78 15.54 2.53
CA GLY B 84 1.21 16.27 3.74
C GLY B 84 0.61 15.71 5.01
N LEU B 85 0.16 14.46 4.95
CA LEU B 85 -0.48 13.80 6.10
C LEU B 85 0.41 12.66 6.62
N ASP B 86 0.06 12.15 7.80
CA ASP B 86 0.70 10.98 8.38
C ASP B 86 -0.41 10.00 8.73
N LEU B 87 -0.63 9.03 7.86
CA LEU B 87 -1.72 8.08 8.02
C LEU B 87 -1.18 6.78 8.57
N GLN B 88 -1.84 6.26 9.61
CA GLN B 88 -1.51 4.99 10.21
C GLN B 88 -2.75 4.10 10.19
N TYR B 89 -2.55 2.79 10.31
CA TYR B 89 -3.64 1.84 10.19
C TYR B 89 -3.70 0.89 11.38
N ALA B 90 -4.91 0.47 11.72
CA ALA B 90 -5.14 -0.51 12.80
C ALA B 90 -6.29 -1.36 12.36
N VAL B 91 -6.36 -2.60 12.85
CA VAL B 91 -7.42 -3.50 12.46
C VAL B 91 -8.45 -3.67 13.58
N GLN B 92 -9.71 -3.84 13.21
CA GLN B 92 -10.76 -4.18 14.16
C GLN B 92 -11.24 -5.59 13.81
N PRO B 93 -10.78 -6.58 14.57
CA PRO B 93 -11.19 -7.98 14.31
C PRO B 93 -12.69 -8.21 14.28
N SER B 94 -13.40 -7.53 15.18
CA SER B 94 -14.85 -7.71 15.34
C SER B 94 -15.56 -6.36 15.54
N PRO B 95 -16.73 -6.17 14.92
CA PRO B 95 -17.48 -4.92 15.08
C PRO B 95 -18.22 -4.80 16.43
N ASP B 96 -17.48 -4.39 17.46
CA ASP B 96 -18.00 -4.38 18.83
C ASP B 96 -18.36 -2.98 19.34
N GLY B 97 -18.76 -2.10 18.44
CA GLY B 97 -19.24 -0.75 18.80
C GLY B 97 -18.23 0.32 18.48
N LEU B 98 -18.73 1.53 18.25
CA LEU B 98 -17.88 2.63 17.76
C LEU B 98 -16.87 3.11 18.83
N ALA B 99 -17.21 2.93 20.10
CA ALA B 99 -16.36 3.38 21.21
C ALA B 99 -15.09 2.55 21.33
N GLN B 100 -15.10 1.36 20.75
CA GLN B 100 -13.91 0.53 20.68
C GLN B 100 -12.74 1.22 19.97
N ALA B 101 -13.02 2.23 19.13
CA ALA B 101 -12.00 2.98 18.40
C ALA B 101 -10.95 3.54 19.35
N PHE B 102 -11.34 3.88 20.57
CA PHE B 102 -10.42 4.48 21.55
C PHE B 102 -9.53 3.44 22.28
N LEU B 103 -9.99 2.22 22.39
CA LEU B 103 -9.17 1.13 22.91
C LEU B 103 -8.18 0.69 21.84
N ILE B 104 -8.70 0.36 20.65
CA ILE B 104 -7.86 0.04 19.48
C ILE B 104 -6.87 1.18 19.26
N GLY B 105 -7.34 2.42 19.37
CA GLY B 105 -6.51 3.60 19.06
C GLY B 105 -5.73 4.18 20.21
N GLU B 106 -5.75 3.50 21.34
CA GLU B 106 -5.13 4.00 22.58
C GLU B 106 -3.71 4.46 22.44
N SER B 107 -2.84 3.64 21.88
CA SER B 107 -1.41 4.04 21.80
C SER B 107 -1.15 5.07 20.68
N PHE B 108 -1.96 5.03 19.63
CA PHE B 108 -1.92 6.09 18.59
C PHE B 108 -2.25 7.44 19.21
N ILE B 109 -3.30 7.48 20.03
CA ILE B 109 -3.71 8.75 20.63
C ILE B 109 -2.66 9.24 21.63
N GLY B 110 -2.19 8.35 22.50
CA GLY B 110 -1.18 8.74 23.49
C GLY B 110 -1.78 9.72 24.48
N ASN B 111 -1.10 10.83 24.70
CA ASN B 111 -1.60 11.87 25.59
C ASN B 111 -2.16 13.06 24.82
N ASP B 112 -2.55 12.86 23.56
CA ASP B 112 -3.00 13.98 22.73
C ASP B 112 -4.51 14.14 22.72
N LEU B 113 -4.93 15.26 22.16
CA LEU B 113 -6.33 15.47 21.85
C LEU B 113 -6.68 14.61 20.66
N SER B 114 -7.95 14.26 20.51
CA SER B 114 -8.39 13.45 19.40
C SER B 114 -9.68 13.92 18.72
N ALA B 115 -9.95 13.32 17.57
CA ALA B 115 -11.21 13.52 16.84
C ALA B 115 -11.56 12.23 16.14
N LEU B 116 -12.83 11.83 16.24
CA LEU B 116 -13.30 10.63 15.61
C LEU B 116 -14.33 10.98 14.54
N VAL B 117 -14.24 10.34 13.37
CA VAL B 117 -15.23 10.54 12.34
C VAL B 117 -15.64 9.19 11.79
N LEU B 118 -16.93 9.04 11.50
CA LEU B 118 -17.41 7.82 10.86
C LEU B 118 -17.10 7.81 9.35
N GLY B 119 -16.69 6.66 8.83
CA GLY B 119 -16.25 6.53 7.46
C GLY B 119 -17.30 6.72 6.36
N ASP B 120 -18.58 6.63 6.69
CA ASP B 120 -19.62 6.84 5.71
C ASP B 120 -20.45 8.14 5.87
N ASN B 121 -19.88 9.15 6.51
CA ASN B 121 -20.54 10.43 6.69
C ASN B 121 -19.90 11.49 5.73
N LEU B 122 -20.74 12.27 5.07
CA LEU B 122 -20.26 13.44 4.30
C LEU B 122 -20.93 14.75 4.72
N TYR B 123 -20.13 15.80 4.77
CA TYR B 123 -20.52 17.10 5.21
C TYR B 123 -20.23 18.06 4.07
N TYR B 124 -21.15 19.00 3.83
CA TYR B 124 -20.95 20.06 2.86
C TYR B 124 -21.55 21.34 3.42
N GLY B 125 -20.85 22.46 3.24
CA GLY B 125 -21.43 23.77 3.47
C GLY B 125 -20.38 24.83 3.65
N HIS B 126 -20.82 26.00 4.09
CA HIS B 126 -20.02 27.23 4.06
C HIS B 126 -19.10 27.40 5.23
N ASP B 127 -17.90 27.90 4.95
CA ASP B 127 -16.91 28.21 6.01
C ASP B 127 -16.80 27.00 6.91
N PHE B 128 -16.66 25.84 6.28
CA PHE B 128 -16.69 24.57 7.00
C PHE B 128 -15.39 24.44 7.75
N HIS B 129 -14.33 24.89 7.10
CA HIS B 129 -13.03 25.08 7.74
C HIS B 129 -13.12 25.83 9.07
N GLU B 130 -13.96 26.86 9.12
CA GLU B 130 -14.09 27.74 10.28
C GLU B 130 -15.04 27.21 11.37
N LEU B 131 -16.11 26.52 10.97
CA LEU B 131 -17.05 25.89 11.95
C LEU B 131 -16.41 24.73 12.74
N LEU B 132 -15.45 24.06 12.11
CA LEU B 132 -14.69 23.01 12.75
C LEU B 132 -13.57 23.59 13.60
N GLY B 133 -13.06 24.75 13.20
CA GLY B 133 -12.00 25.46 13.92
C GLY B 133 -12.33 25.70 15.38
N SER B 134 -13.52 26.19 15.66
CA SER B 134 -13.97 26.44 17.03
C SER B 134 -14.05 25.16 17.87
N ALA B 135 -14.44 24.06 17.25
CA ALA B 135 -14.46 22.77 17.94
C ALA B 135 -13.06 22.23 18.14
N SER B 136 -12.21 22.36 17.11
CA SER B 136 -10.88 21.76 17.10
C SER B 136 -9.93 22.45 18.08
N GLN B 137 -10.12 23.75 18.25
CA GLN B 137 -9.25 24.61 19.08
C GLN B 137 -9.67 24.64 20.58
N ARG B 138 -10.90 24.22 20.89
CA ARG B 138 -11.32 23.96 22.26
C ARG B 138 -10.49 22.80 22.84
N GLN B 139 -9.56 23.10 23.74
CA GLN B 139 -8.58 22.13 24.21
C GLN B 139 -9.05 21.32 25.43
N THR B 140 -10.30 21.51 25.86
CA THR B 140 -10.85 20.87 27.06
C THR B 140 -12.24 20.34 26.79
N GLY B 141 -12.59 19.22 27.40
CA GLY B 141 -13.91 18.63 27.23
C GLY B 141 -14.09 18.05 25.83
N ALA B 142 -15.35 17.80 25.49
CA ALA B 142 -15.73 17.21 24.21
C ALA B 142 -16.62 18.14 23.39
N SER B 143 -16.59 17.99 22.07
CA SER B 143 -17.50 18.73 21.18
C SER B 143 -18.15 17.81 20.16
N VAL B 144 -19.46 17.97 19.99
CA VAL B 144 -20.21 17.29 18.99
C VAL B 144 -21.11 18.30 18.31
N PHE B 145 -21.71 17.87 17.21
CA PHE B 145 -22.63 18.71 16.45
C PHE B 145 -23.99 18.06 16.39
N ALA B 146 -25.03 18.89 16.55
CA ALA B 146 -26.40 18.43 16.41
C ALA B 146 -27.02 18.96 15.12
N TYR B 147 -27.81 18.14 14.48
CA TYR B 147 -28.34 18.45 13.13
C TYR B 147 -29.74 17.96 13.02
N HIS B 148 -30.65 18.82 12.58
CA HIS B 148 -32.07 18.47 12.40
C HIS B 148 -32.27 17.49 11.32
N VAL B 149 -32.88 16.36 11.65
CA VAL B 149 -33.12 15.31 10.69
C VAL B 149 -34.61 14.90 10.76
N LEU B 150 -35.04 14.18 9.74
CA LEU B 150 -36.39 13.69 9.63
C LEU B 150 -36.60 12.41 10.47
N ASP B 151 -35.57 11.58 10.58
CA ASP B 151 -35.63 10.24 11.23
C ASP B 151 -34.66 10.13 12.39
N PRO B 152 -34.88 10.93 13.45
CA PRO B 152 -33.89 10.95 14.52
C PRO B 152 -33.68 9.59 15.23
N GLU B 153 -34.66 8.70 15.15
CA GLU B 153 -34.62 7.37 15.76
C GLU B 153 -33.38 6.55 15.33
N ARG B 154 -32.71 6.94 14.24
CA ARG B 154 -31.59 6.16 13.72
C ARG B 154 -30.28 6.59 14.32
N TYR B 155 -30.28 7.64 15.11
CA TYR B 155 -29.08 8.23 15.63
C TYR B 155 -29.06 8.39 17.14
N GLY B 156 -27.95 8.94 17.63
CA GLY B 156 -27.88 9.57 18.93
C GLY B 156 -28.65 10.89 18.89
N VAL B 157 -29.54 11.09 19.85
CA VAL B 157 -30.49 12.19 19.84
C VAL B 157 -30.20 13.06 21.03
N VAL B 158 -30.12 14.37 20.81
CA VAL B 158 -29.89 15.29 21.89
C VAL B 158 -31.21 16.03 22.23
N GLU B 159 -31.49 16.15 23.53
CA GLU B 159 -32.63 16.91 24.04
C GLU B 159 -32.10 18.19 24.65
N PHE B 160 -32.79 19.28 24.36
CA PHE B 160 -32.41 20.59 24.84
C PHE B 160 -33.49 21.12 25.76
N ASP B 161 -33.09 21.92 26.75
CA ASP B 161 -34.07 22.62 27.60
C ASP B 161 -34.51 23.93 26.92
N GLN B 162 -35.38 24.68 27.60
CA GLN B 162 -35.97 25.91 27.03
C GLN B 162 -34.93 26.97 26.64
N GLY B 163 -33.78 26.94 27.30
CA GLY B 163 -32.71 27.89 27.01
C GLY B 163 -31.66 27.35 26.05
N GLY B 164 -31.97 26.22 25.40
CA GLY B 164 -31.08 25.66 24.38
C GLY B 164 -29.87 24.96 24.95
N LYS B 165 -29.98 24.45 26.17
CA LYS B 165 -28.91 23.69 26.80
C LYS B 165 -29.21 22.22 26.66
N ALA B 166 -28.16 21.46 26.33
CA ALA B 166 -28.28 20.03 26.18
C ALA B 166 -28.45 19.40 27.57
N ILE B 167 -29.50 18.64 27.75
CA ILE B 167 -29.76 17.98 29.05
C ILE B 167 -29.88 16.45 29.00
N SER B 168 -29.92 15.88 27.80
CA SER B 168 -30.06 14.43 27.64
C SER B 168 -29.57 13.98 26.26
N LEU B 169 -28.95 12.80 26.23
CA LEU B 169 -28.56 12.08 25.04
C LEU B 169 -29.13 10.69 25.10
N GLU B 170 -29.66 10.20 23.99
CA GLU B 170 -30.21 8.84 23.93
C GLU B 170 -29.75 8.20 22.63
N GLU B 171 -29.41 6.92 22.67
CA GLU B 171 -28.99 6.20 21.50
C GLU B 171 -30.16 5.51 20.80
N LYS B 172 -30.40 5.88 19.53
CA LYS B 172 -31.46 5.29 18.73
C LYS B 172 -32.79 5.13 19.48
N PRO B 173 -33.31 6.20 20.05
CA PRO B 173 -34.55 6.06 20.85
C PRO B 173 -35.76 5.74 19.96
N LEU B 174 -36.61 4.82 20.40
CA LEU B 174 -37.86 4.54 19.70
C LEU B 174 -38.78 5.76 19.79
N GLU B 175 -38.63 6.57 20.85
CA GLU B 175 -39.42 7.77 21.01
C GLU B 175 -38.53 8.98 21.19
N PRO B 176 -38.06 9.56 20.07
CA PRO B 176 -37.08 10.63 20.23
C PRO B 176 -37.62 11.87 20.94
N LYS B 177 -36.80 12.47 21.79
CA LYS B 177 -37.14 13.69 22.49
C LYS B 177 -37.05 14.96 21.63
N SER B 178 -36.28 14.91 20.54
CA SER B 178 -36.18 16.04 19.57
C SER B 178 -35.84 15.49 18.17
N ASN B 179 -35.70 16.38 17.19
CA ASN B 179 -35.28 15.92 15.86
C ASN B 179 -33.79 16.23 15.63
N TYR B 180 -33.06 16.52 16.72
CA TYR B 180 -31.65 16.79 16.65
C TYR B 180 -30.81 15.55 16.84
N ALA B 181 -30.21 15.08 15.74
CA ALA B 181 -29.24 13.96 15.77
C ALA B 181 -27.84 14.44 16.03
N VAL B 182 -27.03 13.60 16.66
CA VAL B 182 -25.60 13.89 16.83
C VAL B 182 -24.90 13.35 15.58
N THR B 183 -24.14 14.20 14.89
CA THR B 183 -23.57 13.76 13.63
C THR B 183 -22.35 12.87 13.91
N GLY B 184 -21.78 12.29 12.87
CA GLY B 184 -20.69 11.34 13.02
C GLY B 184 -19.31 11.94 13.07
N LEU B 185 -19.19 13.06 13.78
CA LEU B 185 -17.93 13.74 13.97
C LEU B 185 -17.82 14.20 15.41
N TYR B 186 -16.77 13.75 16.09
CA TYR B 186 -16.60 13.98 17.54
C TYR B 186 -15.20 14.44 17.92
N PHE B 187 -15.12 15.50 18.73
CA PHE B 187 -13.85 15.99 19.25
C PHE B 187 -13.73 15.67 20.73
N TYR B 188 -12.56 15.16 21.15
CA TYR B 188 -12.31 14.78 22.54
C TYR B 188 -10.99 15.31 23.07
N ASP B 189 -10.92 15.49 24.39
CA ASP B 189 -9.68 15.85 25.08
C ASP B 189 -9.00 14.57 25.57
N GLN B 190 -8.06 14.69 26.50
CA GLN B 190 -7.25 13.55 26.97
C GLN B 190 -7.98 12.52 27.84
N GLN B 191 -9.23 12.79 28.21
CA GLN B 191 -9.97 11.89 29.11
C GLN B 191 -10.69 10.75 28.40
N VAL B 192 -10.80 10.82 27.07
CA VAL B 192 -11.72 9.89 26.38
C VAL B 192 -11.30 8.43 26.48
N VAL B 193 -10.00 8.16 26.42
CA VAL B 193 -9.55 6.77 26.50
C VAL B 193 -9.99 6.16 27.83
N ASP B 194 -9.71 6.88 28.92
CA ASP B 194 -10.11 6.44 30.27
C ASP B 194 -11.62 6.30 30.45
N ILE B 195 -12.38 7.26 29.90
CA ILE B 195 -13.84 7.12 29.86
C ILE B 195 -14.28 5.85 29.10
N ALA B 196 -13.65 5.60 27.95
CA ALA B 196 -13.96 4.43 27.11
C ALA B 196 -13.68 3.11 27.81
N ARG B 197 -12.52 3.01 28.45
CA ARG B 197 -12.17 1.77 29.15
C ARG B 197 -13.18 1.40 30.24
N ASP B 198 -13.75 2.40 30.88
CA ASP B 198 -14.85 2.16 31.83
C ASP B 198 -16.13 1.76 31.08
N PRO B 201 -20.66 -2.71 27.99
CA PRO B 201 -21.49 -2.89 26.79
C PRO B 201 -22.97 -2.56 27.03
N SER B 202 -23.62 -2.11 25.95
CA SER B 202 -25.05 -1.81 25.97
C SER B 202 -25.85 -3.11 25.93
N PRO B 203 -27.20 -3.01 26.04
CA PRO B 203 -28.05 -4.20 25.85
C PRO B 203 -27.92 -4.87 24.48
N ARG B 204 -27.39 -4.16 23.48
CA ARG B 204 -27.15 -4.70 22.13
C ARG B 204 -25.79 -5.40 22.00
N GLY B 205 -24.92 -5.24 23.00
CA GLY B 205 -23.61 -5.88 23.03
C GLY B 205 -22.53 -5.07 22.33
N GLU B 206 -22.59 -3.75 22.50
CA GLU B 206 -21.67 -2.83 21.81
C GLU B 206 -21.23 -1.69 22.74
N LEU B 207 -19.99 -1.24 22.54
CA LEU B 207 -19.47 -0.07 23.26
C LEU B 207 -19.91 1.19 22.50
N GLU B 208 -20.87 1.91 23.08
CA GLU B 208 -21.56 3.01 22.43
C GLU B 208 -20.84 4.33 22.58
N ILE B 209 -20.70 5.07 21.48
CA ILE B 209 -20.15 6.41 21.56
C ILE B 209 -21.08 7.35 22.37
N THR B 210 -22.38 7.10 22.35
CA THR B 210 -23.33 7.94 23.10
C THR B 210 -23.08 7.88 24.63
N ASP B 211 -22.58 6.75 25.10
CA ASP B 211 -22.17 6.60 26.52
C ASP B 211 -20.92 7.40 26.82
N VAL B 212 -19.98 7.41 25.89
CA VAL B 212 -18.81 8.31 26.02
C VAL B 212 -19.27 9.76 26.11
N ASN B 213 -20.16 10.16 25.21
CA ASN B 213 -20.65 11.55 25.18
C ASN B 213 -21.49 11.90 26.42
N ARG B 214 -22.29 10.96 26.89
CA ARG B 214 -23.05 11.14 28.14
C ARG B 214 -22.14 11.37 29.33
N ALA B 215 -21.02 10.66 29.36
CA ALA B 215 -20.04 10.83 30.41
C ALA B 215 -19.52 12.25 30.47
N TYR B 216 -19.23 12.85 29.30
CA TYR B 216 -18.78 14.23 29.26
C TYR B 216 -19.90 15.21 29.64
N LEU B 217 -21.12 14.87 29.25
CA LEU B 217 -22.27 15.73 29.55
C LEU B 217 -22.47 15.80 31.08
N GLU B 218 -22.45 14.64 31.73
CA GLU B 218 -22.64 14.54 33.21
C GLU B 218 -21.56 15.26 34.04
N ARG B 219 -20.35 15.41 33.51
CA ARG B 219 -19.35 16.29 34.15
C ARG B 219 -19.39 17.72 33.58
N GLY B 220 -20.43 18.09 32.84
CA GLY B 220 -20.56 19.44 32.30
C GLY B 220 -19.46 19.82 31.33
N GLN B 221 -18.92 18.85 30.59
CA GLN B 221 -17.83 19.16 29.66
C GLN B 221 -18.14 18.86 28.17
N LEU B 222 -19.41 18.70 27.85
CA LEU B 222 -19.89 18.49 26.48
C LEU B 222 -20.41 19.79 25.86
N SER B 223 -19.67 20.29 24.87
CA SER B 223 -20.11 21.33 23.96
C SER B 223 -20.96 20.69 22.83
N VAL B 224 -22.22 21.09 22.72
CA VAL B 224 -23.07 20.68 21.63
C VAL B 224 -23.33 21.87 20.74
N GLU B 225 -22.67 21.91 19.59
CA GLU B 225 -22.88 23.00 18.63
C GLU B 225 -23.93 22.61 17.60
N ILE B 226 -24.77 23.56 17.22
CA ILE B 226 -25.74 23.32 16.15
C ILE B 226 -25.08 23.42 14.75
N MET B 227 -25.26 22.38 13.94
CA MET B 227 -24.96 22.42 12.51
C MET B 227 -26.27 22.76 11.82
N GLY B 228 -26.34 23.96 11.26
CA GLY B 228 -27.59 24.55 10.80
C GLY B 228 -28.10 23.92 9.54
N ARG B 229 -29.34 24.28 9.21
CA ARG B 229 -30.05 23.73 8.06
C ARG B 229 -29.35 24.05 6.70
N GLY B 230 -28.52 25.06 6.70
CA GLY B 230 -27.75 25.43 5.51
C GLY B 230 -26.53 24.56 5.27
N TYR B 231 -26.28 23.58 6.15
CA TYR B 231 -25.31 22.53 5.90
C TYR B 231 -25.97 21.23 5.45
N ALA B 232 -25.25 20.44 4.64
CA ALA B 232 -25.70 19.11 4.24
C ALA B 232 -24.89 18.12 5.00
N TRP B 233 -25.58 17.30 5.78
CA TRP B 233 -24.94 16.14 6.42
C TRP B 233 -25.64 14.94 5.89
N LEU B 234 -24.93 14.12 5.15
CA LEU B 234 -25.53 12.96 4.52
C LEU B 234 -24.86 11.70 5.00
N ASP B 235 -25.61 10.63 4.98
CA ASP B 235 -25.20 9.32 5.44
C ASP B 235 -25.23 8.42 4.21
N THR B 236 -24.17 7.62 3.97
CA THR B 236 -24.08 6.79 2.79
C THR B 236 -24.19 5.33 3.14
N GLY B 237 -25.06 5.02 4.08
CA GLY B 237 -25.16 3.69 4.65
C GLY B 237 -26.09 2.67 4.00
N THR B 238 -27.02 3.13 3.16
CA THR B 238 -27.86 2.22 2.39
C THR B 238 -27.56 2.40 0.90
N HIS B 239 -28.05 1.48 0.07
CA HIS B 239 -27.94 1.59 -1.37
C HIS B 239 -28.61 2.85 -1.85
N ASP B 240 -29.80 3.14 -1.31
CA ASP B 240 -30.56 4.34 -1.68
C ASP B 240 -29.86 5.65 -1.29
N SER B 241 -29.32 5.71 -0.07
CA SER B 241 -28.71 6.94 0.39
C SER B 241 -27.34 7.20 -0.30
N LEU B 242 -26.64 6.15 -0.69
CA LEU B 242 -25.39 6.24 -1.43
C LEU B 242 -25.62 6.83 -2.82
N LEU B 243 -26.67 6.37 -3.48
CA LEU B 243 -27.14 6.91 -4.76
C LEU B 243 -27.54 8.39 -4.69
N GLU B 244 -28.30 8.72 -3.65
CA GLU B 244 -28.69 10.10 -3.39
C GLU B 244 -27.49 11.01 -3.15
N ALA B 245 -26.53 10.54 -2.37
CA ALA B 245 -25.36 11.32 -2.04
C ALA B 245 -24.53 11.58 -3.36
N GLY B 246 -24.42 10.57 -4.19
CA GLY B 246 -23.83 10.64 -5.54
C GLY B 246 -24.43 11.72 -6.43
N GLN B 247 -25.77 11.73 -6.55
CA GLN B 247 -26.49 12.74 -7.28
CA GLN B 247 -26.47 12.75 -7.31
C GLN B 247 -26.29 14.16 -6.72
N PHE B 248 -26.26 14.27 -5.39
CA PHE B 248 -26.06 15.51 -4.71
C PHE B 248 -24.67 16.10 -5.00
N ILE B 249 -23.62 15.28 -4.90
CA ILE B 249 -22.27 15.70 -5.12
C ILE B 249 -22.07 16.03 -6.62
N ALA B 250 -22.59 15.19 -7.52
CA ALA B 250 -22.56 15.49 -8.98
C ALA B 250 -23.19 16.83 -9.37
N THR B 251 -24.36 17.12 -8.82
CA THR B 251 -25.00 18.38 -9.03
C THR B 251 -24.16 19.57 -8.60
N LEU B 252 -23.64 19.54 -7.39
CA LEU B 252 -22.72 20.60 -6.93
C LEU B 252 -21.46 20.73 -7.85
N GLU B 253 -20.75 19.61 -8.14
CA GLU B 253 -19.50 19.64 -8.86
C GLU B 253 -19.70 20.11 -10.30
N ASN B 254 -20.76 19.64 -10.94
CA ASN B 254 -21.08 20.02 -12.29
C ASN B 254 -21.60 21.44 -12.42
N ARG B 255 -22.18 21.97 -11.35
CA ARG B 255 -22.57 23.36 -11.32
C ARG B 255 -21.37 24.29 -11.15
N GLN B 256 -20.51 23.97 -10.18
CA GLN B 256 -19.44 24.85 -9.79
C GLN B 256 -18.13 24.71 -10.57
N GLY B 257 -17.89 23.54 -11.11
CA GLY B 257 -16.54 23.19 -11.57
C GLY B 257 -15.55 23.15 -10.43
N LEU B 258 -16.04 22.87 -9.20
CA LEU B 258 -15.22 22.73 -8.05
C LEU B 258 -15.59 21.41 -7.37
N LYS B 259 -14.59 20.70 -6.86
CA LYS B 259 -14.86 19.37 -6.31
C LYS B 259 -15.17 19.47 -4.83
N VAL B 260 -15.98 18.55 -4.36
CA VAL B 260 -16.16 18.33 -2.92
C VAL B 260 -15.17 17.24 -2.45
N ALA B 261 -14.41 17.53 -1.41
CA ALA B 261 -13.62 16.50 -0.70
C ALA B 261 -12.50 15.94 -1.54
N CYS B 262 -11.78 16.82 -2.23
CA CYS B 262 -10.57 16.46 -2.96
C CYS B 262 -9.41 16.69 -2.03
N PRO B 263 -8.82 15.62 -1.47
CA PRO B 263 -7.76 15.80 -0.48
C PRO B 263 -6.53 16.62 -1.00
N GLU B 264 -6.13 16.40 -2.25
CA GLU B 264 -4.99 17.11 -2.84
C GLU B 264 -5.22 18.61 -2.81
N GLU B 265 -6.43 19.02 -3.19
CA GLU B 265 -6.87 20.40 -3.06
C GLU B 265 -6.84 20.93 -1.67
N ILE B 266 -7.39 20.16 -0.72
CA ILE B 266 -7.43 20.62 0.62
C ILE B 266 -6.04 20.77 1.20
N ALA B 267 -5.14 19.83 0.91
CA ALA B 267 -3.78 19.93 1.42
C ALA B 267 -3.07 21.16 0.81
N TYR B 268 -3.27 21.39 -0.48
CA TYR B 268 -2.68 22.57 -1.15
C TYR B 268 -3.18 23.87 -0.54
N ARG B 269 -4.50 24.00 -0.37
CA ARG B 269 -5.06 25.22 0.26
C ARG B 269 -4.68 25.36 1.71
N GLN B 270 -4.44 24.25 2.41
CA GLN B 270 -3.98 24.33 3.83
C GLN B 270 -2.48 24.67 3.96
N LYS B 271 -1.78 24.67 2.82
CA LYS B 271 -0.31 24.88 2.74
C LYS B 271 0.49 23.66 3.25
N TRP B 272 -0.11 22.47 3.20
CA TRP B 272 0.57 21.24 3.60
C TRP B 272 1.41 20.67 2.52
N ILE B 273 1.07 20.96 1.29
CA ILE B 273 1.90 20.61 0.14
C ILE B 273 1.96 21.89 -0.72
N ASP B 274 2.98 22.01 -1.56
CA ASP B 274 3.12 23.21 -2.40
C ASP B 274 2.78 22.96 -3.87
N ALA B 275 2.91 24.01 -4.68
CA ALA B 275 2.57 23.94 -6.10
C ALA B 275 3.31 22.82 -6.84
N ALA B 276 4.61 22.67 -6.58
CA ALA B 276 5.40 21.65 -7.27
C ALA B 276 4.90 20.25 -6.91
N GLN B 277 4.56 20.04 -5.64
CA GLN B 277 4.07 18.73 -5.18
C GLN B 277 2.71 18.40 -5.77
N LEU B 278 1.82 19.40 -5.78
CA LEU B 278 0.53 19.25 -6.46
C LEU B 278 0.66 18.91 -7.94
N GLU B 279 1.63 19.54 -8.61
CA GLU B 279 1.90 19.25 -10.02
C GLU B 279 2.35 17.80 -10.24
N LYS B 280 3.23 17.31 -9.36
CA LYS B 280 3.64 15.90 -9.40
C LYS B 280 2.44 14.96 -9.26
N LEU B 281 1.54 15.26 -8.32
CA LEU B 281 0.33 14.44 -8.09
C LEU B 281 -0.59 14.42 -9.30
N ALA B 282 -0.66 15.55 -10.00
CA ALA B 282 -1.54 15.67 -11.18
C ALA B 282 -1.05 14.86 -12.39
N ALA B 283 0.26 14.72 -12.54
CA ALA B 283 0.88 14.01 -13.68
C ALA B 283 0.29 12.62 -14.03
N PRO B 284 0.33 11.66 -13.09
CA PRO B 284 -0.22 10.30 -13.38
C PRO B 284 -1.69 10.29 -13.77
N LEU B 285 -2.45 11.27 -13.28
CA LEU B 285 -3.87 11.39 -13.53
C LEU B 285 -4.22 12.36 -14.67
N ALA B 286 -3.21 12.91 -15.35
CA ALA B 286 -3.39 13.97 -16.39
C ALA B 286 -4.40 13.63 -17.47
N LYS B 287 -4.50 12.35 -17.79
CA LYS B 287 -5.41 11.86 -18.83
C LYS B 287 -6.90 11.92 -18.46
N ASN B 288 -7.23 11.92 -17.17
CA ASN B 288 -8.63 12.01 -16.75
C ASN B 288 -9.02 13.34 -16.11
N GLY B 289 -10.32 13.51 -15.86
CA GLY B 289 -10.88 14.77 -15.33
C GLY B 289 -10.33 15.19 -13.97
N TYR B 290 -9.95 14.21 -13.15
CA TYR B 290 -9.49 14.49 -11.79
C TYR B 290 -8.07 15.10 -11.83
N GLY B 291 -7.18 14.50 -12.63
CA GLY B 291 -5.88 15.09 -12.92
C GLY B 291 -5.94 16.47 -13.56
N GLN B 292 -6.84 16.66 -14.52
CA GLN B 292 -7.02 17.95 -15.18
C GLN B 292 -7.50 19.01 -14.18
N TYR B 293 -8.35 18.58 -13.25
CA TYR B 293 -8.83 19.48 -12.19
C TYR B 293 -7.69 19.91 -11.28
N LEU B 294 -6.83 18.97 -10.88
CA LEU B 294 -5.69 19.34 -10.02
C LEU B 294 -4.73 20.31 -10.74
N LYS B 295 -4.54 20.09 -12.03
CA LYS B 295 -3.72 20.98 -12.87
C LYS B 295 -4.33 22.39 -12.96
N ARG B 296 -5.63 22.47 -13.21
CA ARG B 296 -6.34 23.77 -13.21
C ARG B 296 -6.20 24.55 -11.89
N LEU B 297 -6.14 23.85 -10.76
CA LEU B 297 -6.01 24.54 -9.46
C LEU B 297 -4.74 25.37 -9.34
N LEU B 298 -3.68 24.97 -10.04
CA LEU B 298 -2.40 25.67 -9.98
C LEU B 298 -2.45 27.09 -10.58
N THR B 299 -3.30 27.26 -11.59
CA THR B 299 -3.35 28.48 -12.39
C THR B 299 -4.72 29.18 -12.32
N GLU B 300 -5.36 29.11 -11.16
CA GLU B 300 -6.63 29.79 -10.92
C GLU B 300 -6.71 30.24 -9.47
N THR B 301 -7.28 31.43 -9.24
CA THR B 301 -7.55 31.87 -7.89
C THR B 301 -9.00 31.51 -7.55
N VAL B 302 -9.20 30.73 -6.50
CA VAL B 302 -10.54 30.44 -6.00
C VAL B 302 -10.68 31.16 -4.70
N TYR B 303 -11.73 31.99 -4.57
CA TYR B 303 -12.02 32.72 -3.32
C TYR B 303 -12.93 31.90 -2.42
N MET C 11 -25.55 -27.30 -31.52
CA MET C 11 -24.17 -26.81 -31.26
C MET C 11 -24.10 -25.90 -30.02
N LYS C 12 -23.06 -26.10 -29.22
CA LYS C 12 -22.84 -25.31 -28.00
C LYS C 12 -22.37 -23.91 -28.31
N ARG C 13 -22.84 -22.92 -27.52
CA ARG C 13 -22.30 -21.56 -27.61
C ARG C 13 -21.64 -21.15 -26.28
N LYS C 14 -20.41 -20.66 -26.37
CA LYS C 14 -19.64 -20.22 -25.22
C LYS C 14 -19.68 -18.70 -25.13
N GLY C 15 -19.51 -18.17 -23.93
CA GLY C 15 -19.55 -16.74 -23.71
C GLY C 15 -18.23 -16.16 -23.25
N ILE C 16 -17.98 -14.92 -23.65
CA ILE C 16 -16.84 -14.17 -23.15
C ILE C 16 -17.36 -12.84 -22.63
N ILE C 17 -16.95 -12.48 -21.43
CA ILE C 17 -17.18 -11.15 -20.90
C ILE C 17 -15.85 -10.42 -20.88
N LEU C 18 -15.78 -9.32 -21.61
CA LEU C 18 -14.59 -8.51 -21.64
C LEU C 18 -14.70 -7.41 -20.58
N ALA C 19 -13.93 -7.57 -19.51
CA ALA C 19 -13.94 -6.65 -18.38
C ALA C 19 -12.62 -5.90 -18.33
N GLY C 20 -12.35 -5.08 -19.34
CA GLY C 20 -11.06 -4.47 -19.51
C GLY C 20 -10.78 -3.31 -18.58
N GLY C 21 -9.51 -2.92 -18.58
CA GLY C 21 -9.01 -1.87 -17.71
C GLY C 21 -9.39 -0.53 -18.31
N SER C 22 -10.17 0.25 -17.56
CA SER C 22 -10.59 1.57 -18.04
C SER C 22 -9.45 2.58 -17.92
N GLY C 23 -8.21 2.09 -17.71
CA GLY C 23 -7.07 2.96 -17.49
C GLY C 23 -7.23 3.77 -16.22
N THR C 24 -6.88 5.06 -16.30
CA THR C 24 -6.97 5.99 -15.17
C THR C 24 -8.19 6.92 -15.29
N ARG C 25 -9.05 6.67 -16.26
CA ARG C 25 -10.18 7.55 -16.61
C ARG C 25 -11.20 7.76 -15.49
N LEU C 26 -11.41 6.74 -14.66
CA LEU C 26 -12.36 6.84 -13.55
C LEU C 26 -11.65 6.99 -12.21
N HIS C 27 -10.36 7.33 -12.23
CA HIS C 27 -9.63 7.54 -10.99
C HIS C 27 -10.15 8.79 -10.35
N PRO C 28 -10.13 8.85 -9.00
CA PRO C 28 -9.60 7.85 -8.07
C PRO C 28 -10.59 6.78 -7.62
N ALA C 29 -11.84 6.82 -8.10
CA ALA C 29 -12.87 5.82 -7.70
C ALA C 29 -12.37 4.38 -7.92
N THR C 30 -11.78 4.18 -9.10
CA THR C 30 -11.24 2.89 -9.49
C THR C 30 -9.81 2.58 -8.98
N LEU C 31 -9.22 3.45 -8.14
CA LEU C 31 -8.00 3.11 -7.37
C LEU C 31 -8.34 2.12 -6.24
N ALA C 32 -9.58 2.21 -5.73
CA ALA C 32 -10.09 1.33 -4.65
C ALA C 32 -10.60 -0.06 -5.13
N ILE C 33 -11.47 -0.01 -6.14
CA ILE C 33 -12.08 -1.18 -6.81
C ILE C 33 -11.93 -1.03 -8.34
N SER C 34 -11.79 -2.15 -9.03
CA SER C 34 -11.88 -2.20 -10.49
C SER C 34 -13.26 -1.79 -11.01
N LYS C 35 -13.33 -1.28 -12.23
CA LYS C 35 -14.53 -0.67 -12.77
C LYS C 35 -15.73 -1.61 -12.74
N GLN C 36 -15.56 -2.84 -13.22
CA GLN C 36 -16.66 -3.77 -13.36
C GLN C 36 -16.96 -4.43 -12.03
N LEU C 37 -16.25 -4.04 -10.98
CA LEU C 37 -16.61 -4.35 -9.61
C LEU C 37 -17.41 -3.25 -8.90
N LEU C 38 -17.49 -2.07 -9.50
CA LEU C 38 -18.28 -0.99 -8.91
C LEU C 38 -19.75 -1.38 -8.98
N PRO C 39 -20.53 -0.95 -7.99
CA PRO C 39 -21.93 -1.36 -8.02
C PRO C 39 -22.77 -0.48 -8.91
N VAL C 40 -23.75 -1.10 -9.56
CA VAL C 40 -24.85 -0.36 -10.17
C VAL C 40 -26.06 -0.60 -9.27
N TYR C 41 -26.36 0.42 -8.50
CA TYR C 41 -27.33 0.43 -7.41
C TYR C 41 -26.96 -0.59 -6.36
N ASP C 42 -27.33 -1.84 -6.56
CA ASP C 42 -27.31 -2.80 -5.45
C ASP C 42 -26.50 -4.06 -5.72
N LYS C 43 -25.76 -4.10 -6.83
CA LYS C 43 -25.00 -5.25 -7.20
C LYS C 43 -23.86 -4.84 -8.12
N PRO C 44 -22.76 -5.64 -8.14
CA PRO C 44 -21.61 -5.31 -8.97
C PRO C 44 -21.92 -5.22 -10.45
N MET C 45 -21.27 -4.27 -11.12
CA MET C 45 -21.51 -4.03 -12.52
C MET C 45 -21.49 -5.32 -13.29
N ILE C 46 -20.56 -6.21 -12.97
CA ILE C 46 -20.38 -7.40 -13.82
C ILE C 46 -21.55 -8.39 -13.79
N TYR C 47 -22.42 -8.32 -12.76
CA TYR C 47 -23.64 -9.13 -12.70
C TYR C 47 -24.58 -8.90 -13.91
N TYR C 48 -24.53 -7.70 -14.46
CA TYR C 48 -25.41 -7.30 -15.56
C TYR C 48 -25.05 -7.97 -16.88
N PRO C 49 -23.81 -7.82 -17.38
CA PRO C 49 -23.43 -8.60 -18.58
C PRO C 49 -23.42 -10.13 -18.39
N LEU C 50 -23.08 -10.61 -17.20
CA LEU C 50 -23.22 -12.02 -16.89
C LEU C 50 -24.68 -12.49 -17.03
N SER C 51 -25.61 -11.69 -16.53
CA SER C 51 -27.03 -12.03 -16.66
C SER C 51 -27.49 -12.03 -18.09
N THR C 52 -26.95 -11.12 -18.89
CA THR C 52 -27.28 -11.12 -20.30
C THR C 52 -26.88 -12.42 -20.97
N LEU C 53 -25.64 -12.88 -20.71
CA LEU C 53 -25.18 -14.14 -21.30
C LEU C 53 -26.07 -15.28 -20.82
N MET C 54 -26.36 -15.30 -19.53
CA MET C 54 -27.24 -16.33 -18.97
C MET C 54 -28.63 -16.33 -19.62
N LEU C 55 -29.17 -15.15 -19.91
CA LEU C 55 -30.47 -15.06 -20.60
C LEU C 55 -30.43 -15.52 -22.06
N ALA C 56 -29.26 -15.47 -22.69
CA ALA C 56 -29.06 -16.11 -24.00
C ALA C 56 -28.90 -17.64 -23.91
N GLY C 57 -29.00 -18.22 -22.72
CA GLY C 57 -28.83 -19.66 -22.55
C GLY C 57 -27.37 -20.11 -22.45
N ILE C 58 -26.43 -19.18 -22.30
CA ILE C 58 -25.02 -19.52 -22.23
C ILE C 58 -24.57 -19.79 -20.78
N ARG C 59 -23.99 -20.96 -20.55
CA ARG C 59 -23.56 -21.36 -19.20
C ARG C 59 -22.06 -21.38 -19.00
N GLU C 60 -21.34 -21.41 -20.12
CA GLU C 60 -19.91 -21.61 -20.12
C GLU C 60 -19.29 -20.32 -20.54
N ILE C 61 -18.59 -19.68 -19.61
CA ILE C 61 -18.21 -18.27 -19.75
C ILE C 61 -16.78 -17.97 -19.33
N LEU C 62 -16.05 -17.28 -20.22
CA LEU C 62 -14.70 -16.80 -19.94
C LEU C 62 -14.74 -15.33 -19.58
N ILE C 63 -14.22 -14.98 -18.41
CA ILE C 63 -14.06 -13.59 -18.01
C ILE C 63 -12.63 -13.14 -18.27
N ILE C 64 -12.49 -12.10 -19.09
CA ILE C 64 -11.21 -11.52 -19.42
C ILE C 64 -11.04 -10.15 -18.77
N SER C 65 -9.95 -9.97 -18.05
CA SER C 65 -9.67 -8.65 -17.47
C SER C 65 -8.18 -8.48 -17.27
N THR C 66 -7.80 -7.38 -16.63
CA THR C 66 -6.39 -7.07 -16.44
C THR C 66 -5.79 -8.06 -15.45
N PRO C 67 -4.45 -8.15 -15.43
CA PRO C 67 -3.81 -9.02 -14.44
C PRO C 67 -4.14 -8.65 -12.99
N GLN C 68 -4.26 -7.37 -12.70
CA GLN C 68 -4.69 -6.94 -11.35
C GLN C 68 -6.12 -7.33 -11.01
N ASP C 69 -7.02 -7.26 -11.99
CA ASP C 69 -8.44 -7.41 -11.72
C ASP C 69 -8.98 -8.82 -11.79
N THR C 70 -8.36 -9.66 -12.62
CA THR C 70 -8.81 -11.05 -12.81
C THR C 70 -8.96 -11.81 -11.49
N PRO C 71 -7.93 -11.77 -10.62
CA PRO C 71 -8.10 -12.47 -9.36
C PRO C 71 -9.26 -11.96 -8.53
N ARG C 72 -9.57 -10.66 -8.64
CA ARG C 72 -10.68 -10.07 -7.91
C ARG C 72 -12.04 -10.56 -8.43
N PHE C 73 -12.17 -10.68 -9.74
CA PHE C 73 -13.36 -11.34 -10.32
C PHE C 73 -13.46 -12.79 -9.84
N GLN C 74 -12.33 -13.48 -9.76
CA GLN C 74 -12.26 -14.89 -9.32
C GLN C 74 -12.72 -15.02 -7.87
N GLN C 75 -12.18 -14.14 -7.02
CA GLN C 75 -12.51 -14.07 -5.60
C GLN C 75 -14.01 -13.77 -5.43
N LEU C 76 -14.58 -12.90 -6.28
CA LEU C 76 -16.03 -12.65 -6.24
C LEU C 76 -16.88 -13.83 -6.71
N LEU C 77 -16.58 -14.36 -7.90
CA LEU C 77 -17.50 -15.24 -8.65
C LEU C 77 -17.17 -16.73 -8.59
N GLY C 78 -15.91 -17.07 -8.30
CA GLY C 78 -15.49 -18.45 -8.26
C GLY C 78 -15.55 -19.11 -9.60
N ASP C 79 -15.89 -20.39 -9.62
CA ASP C 79 -15.99 -21.14 -10.87
C ASP C 79 -17.42 -21.21 -11.40
N GLY C 80 -18.36 -20.60 -10.68
CA GLY C 80 -19.72 -20.47 -11.18
C GLY C 80 -20.67 -21.60 -10.79
N SER C 81 -20.12 -22.66 -10.19
CA SER C 81 -20.87 -23.88 -9.90
C SER C 81 -22.05 -23.63 -8.97
N ASN C 82 -21.94 -22.66 -8.07
CA ASN C 82 -23.09 -22.31 -7.20
C ASN C 82 -24.32 -21.82 -7.95
N TRP C 83 -24.13 -21.33 -9.17
CA TRP C 83 -25.22 -20.81 -10.00
C TRP C 83 -25.44 -21.64 -11.24
N GLY C 84 -24.89 -22.85 -11.26
CA GLY C 84 -25.06 -23.75 -12.42
C GLY C 84 -24.30 -23.29 -13.65
N LEU C 85 -23.23 -22.54 -13.41
CA LEU C 85 -22.41 -22.04 -14.52
C LEU C 85 -21.04 -22.73 -14.46
N ASP C 86 -20.29 -22.55 -15.55
CA ASP C 86 -18.89 -22.95 -15.60
C ASP C 86 -18.08 -21.73 -16.01
N LEU C 87 -17.50 -21.04 -15.04
CA LEU C 87 -16.75 -19.82 -15.30
C LEU C 87 -15.23 -20.09 -15.33
N GLN C 88 -14.55 -19.55 -16.32
CA GLN C 88 -13.11 -19.61 -16.47
C GLN C 88 -12.58 -18.19 -16.62
N TYR C 89 -11.28 -18.00 -16.35
CA TYR C 89 -10.65 -16.69 -16.34
C TYR C 89 -9.41 -16.61 -17.20
N ALA C 90 -9.16 -15.43 -17.75
CA ALA C 90 -7.98 -15.20 -18.57
C ALA C 90 -7.62 -13.71 -18.46
N VAL C 91 -6.37 -13.36 -18.75
CA VAL C 91 -5.90 -11.99 -18.55
C VAL C 91 -5.59 -11.33 -19.91
N GLN C 92 -5.82 -10.03 -20.00
CA GLN C 92 -5.36 -9.21 -21.11
C GLN C 92 -4.26 -8.28 -20.57
N PRO C 93 -2.98 -8.62 -20.82
CA PRO C 93 -1.86 -7.85 -20.26
C PRO C 93 -1.92 -6.38 -20.60
N SER C 94 -2.34 -6.06 -21.81
CA SER C 94 -2.36 -4.69 -22.25
C SER C 94 -3.64 -4.41 -23.01
N PRO C 95 -4.25 -3.23 -22.79
CA PRO C 95 -5.51 -2.93 -23.49
C PRO C 95 -5.28 -2.59 -24.96
N ASP C 96 -5.09 -3.64 -25.76
CA ASP C 96 -4.74 -3.50 -27.19
C ASP C 96 -5.94 -3.76 -28.11
N GLY C 97 -7.14 -3.45 -27.63
CA GLY C 97 -8.36 -3.56 -28.42
C GLY C 97 -9.22 -4.75 -28.04
N LEU C 98 -10.51 -4.60 -28.25
CA LEU C 98 -11.49 -5.58 -27.80
C LEU C 98 -11.40 -6.91 -28.56
N ALA C 99 -10.93 -6.85 -29.80
CA ALA C 99 -10.86 -8.03 -30.67
C ALA C 99 -9.78 -9.01 -30.20
N GLN C 100 -8.84 -8.54 -29.37
CA GLN C 100 -7.88 -9.41 -28.70
C GLN C 100 -8.52 -10.55 -27.87
N ALA C 101 -9.77 -10.34 -27.45
CA ALA C 101 -10.50 -11.33 -26.64
C ALA C 101 -10.55 -12.70 -27.32
N PHE C 102 -10.56 -12.70 -28.66
CA PHE C 102 -10.65 -13.96 -29.41
C PHE C 102 -9.32 -14.70 -29.54
N LEU C 103 -8.21 -13.96 -29.47
CA LEU C 103 -6.88 -14.58 -29.46
C LEU C 103 -6.63 -15.13 -28.06
N ILE C 104 -6.80 -14.28 -27.05
CA ILE C 104 -6.72 -14.71 -25.64
C ILE C 104 -7.67 -15.88 -25.41
N GLY C 105 -8.87 -15.80 -25.97
CA GLY C 105 -9.92 -16.79 -25.73
C GLY C 105 -9.94 -17.96 -26.70
N GLU C 106 -8.94 -18.02 -27.57
CA GLU C 106 -8.90 -19.05 -28.62
C GLU C 106 -9.10 -20.49 -28.14
N SER C 107 -8.35 -20.92 -27.13
CA SER C 107 -8.45 -22.31 -26.71
C SER C 107 -9.73 -22.58 -25.88
N PHE C 108 -10.22 -21.56 -25.17
CA PHE C 108 -11.52 -21.64 -24.52
C PHE C 108 -12.64 -21.86 -25.55
N ILE C 109 -12.60 -21.10 -26.64
CA ILE C 109 -13.64 -21.21 -27.66
C ILE C 109 -13.54 -22.59 -28.35
N GLY C 110 -12.33 -23.00 -28.72
CA GLY C 110 -12.14 -24.28 -29.40
C GLY C 110 -12.77 -24.21 -30.76
N ASN C 111 -13.59 -25.20 -31.08
CA ASN C 111 -14.33 -25.15 -32.34
C ASN C 111 -15.83 -24.83 -32.13
N ASP C 112 -16.17 -24.16 -31.03
CA ASP C 112 -17.58 -23.87 -30.73
C ASP C 112 -18.02 -22.51 -31.23
N LEU C 113 -19.33 -22.30 -31.19
CA LEU C 113 -19.90 -21.00 -31.40
C LEU C 113 -19.61 -20.14 -30.18
N SER C 114 -19.58 -18.83 -30.35
CA SER C 114 -19.29 -17.95 -29.23
C SER C 114 -20.22 -16.72 -29.16
N ALA C 115 -20.12 -16.02 -28.03
CA ALA C 115 -20.80 -14.73 -27.82
C ALA C 115 -19.88 -13.85 -26.96
N LEU C 116 -19.71 -12.59 -27.35
CA LEU C 116 -18.92 -11.62 -26.60
C LEU C 116 -19.84 -10.53 -26.05
N VAL C 117 -19.67 -10.19 -24.77
CA VAL C 117 -20.38 -9.09 -24.18
C VAL C 117 -19.41 -8.16 -23.43
N LEU C 118 -19.59 -6.85 -23.57
CA LEU C 118 -18.74 -5.87 -22.85
C LEU C 118 -19.15 -5.76 -21.38
N GLY C 119 -18.16 -5.66 -20.50
CA GLY C 119 -18.38 -5.73 -19.04
C GLY C 119 -19.12 -4.58 -18.42
N ASP C 120 -19.21 -3.46 -19.13
CA ASP C 120 -19.90 -2.30 -18.59
C ASP C 120 -21.22 -1.95 -19.33
N ASN C 121 -21.83 -2.93 -19.99
CA ASN C 121 -23.10 -2.74 -20.72
C ASN C 121 -24.27 -3.40 -19.99
N LEU C 122 -25.39 -2.67 -19.88
CA LEU C 122 -26.60 -3.13 -19.25
C LEU C 122 -27.79 -3.11 -20.20
N TYR C 123 -28.61 -4.15 -20.14
CA TYR C 123 -29.73 -4.30 -21.05
C TYR C 123 -30.95 -4.54 -20.19
N TYR C 124 -32.06 -3.87 -20.53
CA TYR C 124 -33.34 -4.11 -19.86
C TYR C 124 -34.48 -4.08 -20.89
N GLY C 125 -35.40 -5.03 -20.75
CA GLY C 125 -36.62 -4.99 -21.54
C GLY C 125 -37.33 -6.33 -21.63
N HIS C 126 -38.38 -6.35 -22.44
CA HIS C 126 -39.35 -7.43 -22.47
C HIS C 126 -38.95 -8.59 -23.36
N ASP C 127 -39.26 -9.81 -22.90
CA ASP C 127 -39.01 -11.03 -23.68
C ASP C 127 -37.57 -11.01 -24.16
N PHE C 128 -36.67 -10.68 -23.24
CA PHE C 128 -35.27 -10.47 -23.57
C PHE C 128 -34.65 -11.84 -23.83
N HIS C 129 -35.10 -12.81 -23.03
CA HIS C 129 -34.90 -14.25 -23.25
C HIS C 129 -35.14 -14.67 -24.71
N GLU C 130 -36.22 -14.15 -25.31
CA GLU C 130 -36.62 -14.55 -26.69
C GLU C 130 -35.92 -13.74 -27.80
N LEU C 131 -35.62 -12.46 -27.56
CA LEU C 131 -34.92 -11.65 -28.57
C LEU C 131 -33.46 -12.09 -28.79
N LEU C 132 -32.86 -12.66 -27.75
CA LEU C 132 -31.53 -13.24 -27.84
C LEU C 132 -31.57 -14.64 -28.43
N GLY C 133 -32.68 -15.36 -28.21
CA GLY C 133 -32.89 -16.70 -28.73
C GLY C 133 -32.68 -16.81 -30.24
N SER C 134 -33.26 -15.89 -30.99
CA SER C 134 -33.09 -15.87 -32.44
C SER C 134 -31.63 -15.65 -32.87
N ALA C 135 -30.91 -14.83 -32.11
CA ALA C 135 -29.49 -14.60 -32.41
C ALA C 135 -28.66 -15.83 -32.00
N SER C 136 -28.98 -16.42 -30.86
CA SER C 136 -28.18 -17.48 -30.24
C SER C 136 -28.28 -18.77 -31.06
N GLN C 137 -29.43 -18.98 -31.68
CA GLN C 137 -29.75 -20.15 -32.51
C GLN C 137 -29.12 -20.13 -33.90
N ARG C 138 -28.91 -18.93 -34.46
CA ARG C 138 -28.24 -18.78 -35.78
C ARG C 138 -26.86 -19.36 -35.71
N GLN C 139 -26.64 -20.48 -36.38
CA GLN C 139 -25.36 -21.19 -36.30
C GLN C 139 -24.36 -20.81 -37.37
N THR C 140 -24.71 -19.85 -38.21
CA THR C 140 -23.84 -19.42 -39.28
C THR C 140 -23.72 -17.91 -39.21
N GLY C 141 -22.54 -17.40 -39.52
CA GLY C 141 -22.31 -15.97 -39.58
C GLY C 141 -22.29 -15.33 -38.20
N ALA C 142 -22.41 -14.00 -38.20
CA ALA C 142 -22.40 -13.20 -36.96
C ALA C 142 -23.72 -12.46 -36.75
N SER C 143 -24.07 -12.20 -35.50
CA SER C 143 -25.25 -11.39 -35.18
C SER C 143 -24.92 -10.27 -34.19
N VAL C 144 -25.34 -9.06 -34.53
CA VAL C 144 -25.20 -7.91 -33.68
C VAL C 144 -26.54 -7.18 -33.63
N PHE C 145 -26.65 -6.24 -32.69
CA PHE C 145 -27.85 -5.47 -32.49
C PHE C 145 -27.54 -4.01 -32.70
N ALA C 146 -28.42 -3.33 -33.39
CA ALA C 146 -28.32 -1.88 -33.57
C ALA C 146 -29.38 -1.18 -32.73
N TYR C 147 -29.03 -0.02 -32.17
CA TYR C 147 -29.88 0.69 -31.24
C TYR C 147 -29.74 2.17 -31.52
N HIS C 148 -30.87 2.85 -31.63
CA HIS C 148 -30.89 4.27 -31.84
C HIS C 148 -30.34 5.01 -30.67
N VAL C 149 -29.37 5.90 -30.91
CA VAL C 149 -28.74 6.70 -29.86
C VAL C 149 -28.64 8.15 -30.30
N LEU C 150 -28.43 9.03 -29.32
CA LEU C 150 -28.29 10.47 -29.55
C LEU C 150 -26.89 10.88 -30.04
N ASP C 151 -25.86 10.15 -29.60
CA ASP C 151 -24.44 10.51 -29.84
C ASP C 151 -23.70 9.37 -30.54
N PRO C 152 -24.07 9.08 -31.79
CA PRO C 152 -23.54 7.87 -32.41
C PRO C 152 -22.02 7.89 -32.61
N GLU C 153 -21.43 9.09 -32.62
CA GLU C 153 -19.95 9.23 -32.74
C GLU C 153 -19.15 8.41 -31.76
N ARG C 154 -19.76 8.03 -30.63
CA ARG C 154 -19.02 7.34 -29.57
C ARG C 154 -18.95 5.84 -29.82
N TYR C 155 -19.65 5.35 -30.84
CA TYR C 155 -19.80 3.92 -31.04
C TYR C 155 -19.42 3.46 -32.42
N GLY C 156 -19.52 2.15 -32.62
CA GLY C 156 -19.63 1.57 -33.93
C GLY C 156 -21.01 1.89 -34.50
N VAL C 157 -21.02 2.45 -35.70
CA VAL C 157 -22.21 2.99 -36.30
C VAL C 157 -22.52 2.17 -37.53
N VAL C 158 -23.78 1.75 -37.66
CA VAL C 158 -24.20 0.96 -38.81
C VAL C 158 -25.05 1.81 -39.75
N GLU C 159 -24.73 1.75 -41.04
CA GLU C 159 -25.49 2.47 -42.09
C GLU C 159 -26.35 1.46 -42.80
N PHE C 160 -27.60 1.85 -43.05
CA PHE C 160 -28.56 1.01 -43.76
C PHE C 160 -28.89 1.65 -45.09
N ASP C 161 -29.18 0.81 -46.09
CA ASP C 161 -29.69 1.32 -47.36
C ASP C 161 -31.20 1.54 -47.25
N GLN C 162 -31.81 1.99 -48.35
CA GLN C 162 -33.22 2.38 -48.35
C GLN C 162 -34.18 1.24 -48.00
N GLY C 163 -33.73 -0.01 -48.19
CA GLY C 163 -34.55 -1.17 -47.86
C GLY C 163 -34.20 -1.79 -46.53
N GLY C 164 -33.44 -1.05 -45.71
CA GLY C 164 -33.12 -1.50 -44.36
C GLY C 164 -32.05 -2.57 -44.27
N LYS C 165 -31.16 -2.62 -45.26
CA LYS C 165 -30.08 -3.58 -45.31
C LYS C 165 -28.79 -2.89 -44.86
N ALA C 166 -28.02 -3.55 -43.99
CA ALA C 166 -26.79 -2.99 -43.48
C ALA C 166 -25.74 -2.98 -44.59
N ILE C 167 -25.17 -1.81 -44.89
CA ILE C 167 -24.18 -1.69 -45.95
C ILE C 167 -22.82 -1.12 -45.53
N SER C 168 -22.71 -0.61 -44.30
CA SER C 168 -21.46 0.00 -43.82
C SER C 168 -21.41 0.07 -42.28
N LEU C 169 -20.21 -0.14 -41.74
CA LEU C 169 -19.90 -0.02 -40.31
C LEU C 169 -18.69 0.86 -40.15
N GLU C 170 -18.75 1.80 -39.24
CA GLU C 170 -17.65 2.74 -39.00
C GLU C 170 -17.43 2.85 -37.51
N GLU C 171 -16.17 2.84 -37.07
CA GLU C 171 -15.85 2.93 -35.65
C GLU C 171 -15.67 4.39 -35.26
N LYS C 172 -16.49 4.85 -34.33
CA LYS C 172 -16.44 6.22 -33.83
C LYS C 172 -16.26 7.29 -34.92
N PRO C 173 -17.14 7.30 -35.92
CA PRO C 173 -16.97 8.26 -37.02
C PRO C 173 -17.20 9.71 -36.59
N LEU C 174 -16.36 10.62 -37.10
CA LEU C 174 -16.56 12.06 -36.90
C LEU C 174 -17.85 12.53 -37.58
N GLU C 175 -18.25 11.84 -38.64
CA GLU C 175 -19.49 12.20 -39.35
C GLU C 175 -20.36 10.97 -39.50
N PRO C 176 -21.16 10.67 -38.45
CA PRO C 176 -21.91 9.41 -38.53
C PRO C 176 -22.93 9.35 -39.66
N LYS C 177 -23.04 8.18 -40.28
CA LYS C 177 -23.98 7.96 -41.37
C LYS C 177 -25.42 7.73 -40.88
N SER C 178 -25.58 7.32 -39.63
CA SER C 178 -26.91 7.10 -39.03
C SER C 178 -26.82 7.31 -37.53
N ASN C 179 -27.93 7.11 -36.84
CA ASN C 179 -27.93 7.17 -35.36
C ASN C 179 -28.06 5.79 -34.75
N TYR C 180 -27.80 4.77 -35.56
CA TYR C 180 -27.81 3.39 -35.08
C TYR C 180 -26.43 2.91 -34.63
N ALA C 181 -26.29 2.74 -33.32
CA ALA C 181 -25.07 2.22 -32.72
C ALA C 181 -25.14 0.72 -32.62
N VAL C 182 -23.99 0.07 -32.67
CA VAL C 182 -23.91 -1.35 -32.45
C VAL C 182 -23.72 -1.56 -30.95
N THR C 183 -24.55 -2.38 -30.33
CA THR C 183 -24.49 -2.52 -28.88
C THR C 183 -23.32 -3.44 -28.52
N GLY C 184 -23.02 -3.56 -27.23
CA GLY C 184 -21.89 -4.35 -26.76
C GLY C 184 -22.18 -5.83 -26.53
N LEU C 185 -22.94 -6.43 -27.45
CA LEU C 185 -23.26 -7.85 -27.39
C LEU C 185 -23.17 -8.41 -28.80
N TYR C 186 -22.31 -9.42 -28.98
CA TYR C 186 -22.02 -9.98 -30.28
C TYR C 186 -22.05 -11.52 -30.28
N PHE C 187 -22.72 -12.09 -31.28
CA PHE C 187 -22.75 -13.55 -31.50
C PHE C 187 -21.93 -13.92 -32.74
N TYR C 188 -21.09 -14.95 -32.62
CA TYR C 188 -20.19 -15.37 -33.71
C TYR C 188 -20.24 -16.87 -33.93
N ASP C 189 -19.91 -17.28 -35.14
CA ASP C 189 -19.77 -18.70 -35.50
C ASP C 189 -18.29 -19.09 -35.35
N GLN C 190 -17.90 -20.21 -35.96
CA GLN C 190 -16.53 -20.74 -35.82
C GLN C 190 -15.42 -19.98 -36.56
N GLN C 191 -15.78 -18.97 -37.34
CA GLN C 191 -14.77 -18.23 -38.13
C GLN C 191 -14.10 -17.09 -37.35
N VAL C 192 -14.63 -16.69 -36.19
CA VAL C 192 -14.22 -15.45 -35.56
C VAL C 192 -12.77 -15.43 -35.11
N VAL C 193 -12.29 -16.55 -34.59
CA VAL C 193 -10.88 -16.63 -34.19
C VAL C 193 -9.93 -16.35 -35.38
N ASP C 194 -10.16 -17.05 -36.48
CA ASP C 194 -9.38 -16.86 -37.73
C ASP C 194 -9.51 -15.45 -38.31
N ILE C 195 -10.71 -14.88 -38.29
CA ILE C 195 -10.88 -13.48 -38.68
C ILE C 195 -10.03 -12.53 -37.82
N ALA C 196 -10.03 -12.75 -36.50
CA ALA C 196 -9.25 -11.89 -35.58
C ALA C 196 -7.73 -12.00 -35.81
N ARG C 197 -7.22 -13.21 -36.01
CA ARG C 197 -5.76 -13.38 -36.25
C ARG C 197 -5.28 -12.67 -37.52
N ASP C 198 -6.11 -12.61 -38.55
CA ASP C 198 -5.77 -11.93 -39.82
C ASP C 198 -5.92 -10.40 -39.80
N LEU C 199 -6.36 -9.82 -38.68
CA LEU C 199 -6.53 -8.37 -38.62
C LEU C 199 -5.21 -7.64 -38.53
N LYS C 200 -5.20 -6.40 -39.03
CA LYS C 200 -4.12 -5.45 -38.79
C LYS C 200 -4.64 -4.35 -37.83
N PRO C 201 -3.79 -3.89 -36.87
CA PRO C 201 -4.21 -2.79 -35.96
C PRO C 201 -4.73 -1.55 -36.69
N SER C 202 -5.63 -0.84 -36.03
CA SER C 202 -6.20 0.39 -36.55
C SER C 202 -5.17 1.53 -36.44
N PRO C 203 -5.49 2.71 -37.00
CA PRO C 203 -4.62 3.87 -36.79
C PRO C 203 -4.43 4.29 -35.32
N ARG C 204 -5.32 3.84 -34.43
CA ARG C 204 -5.21 4.12 -32.99
C ARG C 204 -4.31 3.10 -32.27
N GLY C 205 -3.98 2.00 -32.93
CA GLY C 205 -3.12 0.95 -32.36
C GLY C 205 -3.92 -0.09 -31.57
N GLU C 206 -5.08 -0.46 -32.10
CA GLU C 206 -5.98 -1.40 -31.42
C GLU C 206 -6.63 -2.38 -32.41
N LEU C 207 -6.85 -3.61 -31.94
CA LEU C 207 -7.59 -4.61 -32.71
C LEU C 207 -9.07 -4.39 -32.43
N GLU C 208 -9.75 -3.78 -33.40
CA GLU C 208 -11.11 -3.30 -33.26
C GLU C 208 -12.14 -4.41 -33.47
N ILE C 209 -13.15 -4.48 -32.62
CA ILE C 209 -14.28 -5.38 -32.85
C ILE C 209 -15.06 -4.97 -34.12
N THR C 210 -15.09 -3.68 -34.45
CA THR C 210 -15.77 -3.25 -35.69
C THR C 210 -15.15 -3.85 -36.96
N ASP C 211 -13.84 -4.08 -36.95
CA ASP C 211 -13.14 -4.74 -38.07
C ASP C 211 -13.54 -6.19 -38.15
N VAL C 212 -13.68 -6.86 -37.00
CA VAL C 212 -14.22 -8.23 -37.00
C VAL C 212 -15.61 -8.23 -37.62
N ASN C 213 -16.46 -7.29 -37.20
CA ASN C 213 -17.84 -7.21 -37.72
C ASN C 213 -17.89 -6.82 -39.21
N ARG C 214 -17.01 -5.91 -39.63
CA ARG C 214 -16.87 -5.58 -41.05
C ARG C 214 -16.50 -6.78 -41.91
N ALA C 215 -15.61 -7.63 -41.38
CA ALA C 215 -15.19 -8.84 -42.06
C ALA C 215 -16.38 -9.75 -42.36
N TYR C 216 -17.28 -9.92 -41.40
CA TYR C 216 -18.49 -10.70 -41.63
C TYR C 216 -19.47 -10.00 -42.59
N LEU C 217 -19.53 -8.67 -42.52
CA LEU C 217 -20.42 -7.90 -43.38
C LEU C 217 -20.00 -8.06 -44.86
N GLU C 218 -18.70 -7.92 -45.13
CA GLU C 218 -18.14 -8.06 -46.49
C GLU C 218 -18.35 -9.45 -47.10
N ARG C 219 -18.44 -10.48 -46.27
CA ARG C 219 -18.83 -11.82 -46.73
C ARG C 219 -20.34 -12.03 -46.78
N GLY C 220 -21.12 -11.00 -46.51
CA GLY C 220 -22.58 -11.13 -46.43
C GLY C 220 -23.05 -12.06 -45.32
N GLN C 221 -22.29 -12.15 -44.23
CA GLN C 221 -22.67 -13.04 -43.12
C GLN C 221 -22.94 -12.32 -41.77
N LEU C 222 -23.14 -11.00 -41.83
CA LEU C 222 -23.57 -10.20 -40.65
C LEU C 222 -25.07 -9.94 -40.63
N SER C 223 -25.74 -10.55 -39.67
CA SER C 223 -27.12 -10.21 -39.34
C SER C 223 -27.13 -9.06 -38.33
N VAL C 224 -27.75 -7.96 -38.73
CA VAL C 224 -27.93 -6.81 -37.85
C VAL C 224 -29.39 -6.71 -37.46
N GLU C 225 -29.71 -7.07 -36.22
CA GLU C 225 -31.07 -6.96 -35.73
C GLU C 225 -31.28 -5.62 -35.03
N ILE C 226 -32.46 -5.03 -35.16
CA ILE C 226 -32.82 -3.82 -34.41
C ILE C 226 -33.24 -4.12 -32.97
N MET C 227 -32.57 -3.50 -31.99
CA MET C 227 -33.04 -3.49 -30.61
C MET C 227 -33.86 -2.23 -30.50
N GLY C 228 -35.17 -2.42 -30.33
CA GLY C 228 -36.12 -1.33 -30.42
C GLY C 228 -36.06 -0.33 -29.27
N ARG C 229 -36.79 0.77 -29.44
CA ARG C 229 -36.83 1.89 -28.48
C ARG C 229 -37.41 1.48 -27.12
N GLY C 230 -38.15 0.39 -27.10
CA GLY C 230 -38.71 -0.15 -25.89
C GLY C 230 -37.76 -0.96 -25.05
N TYR C 231 -36.52 -1.12 -25.53
CA TYR C 231 -35.42 -1.65 -24.71
C TYR C 231 -34.54 -0.53 -24.18
N ALA C 232 -34.01 -0.72 -22.97
CA ALA C 232 -32.99 0.15 -22.44
C ALA C 232 -31.63 -0.52 -22.63
N TRP C 233 -30.73 0.14 -23.37
CA TRP C 233 -29.33 -0.25 -23.42
C TRP C 233 -28.54 0.90 -22.81
N LEU C 234 -27.90 0.66 -21.68
CA LEU C 234 -27.12 1.67 -20.99
C LEU C 234 -25.67 1.28 -20.89
N ASP C 235 -24.81 2.26 -20.86
CA ASP C 235 -23.45 1.89 -20.58
C ASP C 235 -22.93 2.66 -19.36
N THR C 236 -22.05 2.04 -18.62
CA THR C 236 -21.64 2.53 -17.30
C THR C 236 -20.20 2.98 -17.29
N GLY C 237 -19.80 3.64 -18.37
CA GLY C 237 -18.39 3.95 -18.61
C GLY C 237 -17.87 5.29 -18.10
N THR C 238 -18.76 6.21 -17.74
CA THR C 238 -18.35 7.45 -17.05
C THR C 238 -18.98 7.49 -15.64
N HIS C 239 -18.49 8.42 -14.82
CA HIS C 239 -19.06 8.64 -13.51
C HIS C 239 -20.50 9.02 -13.65
N ASP C 240 -20.81 9.85 -14.63
CA ASP C 240 -22.20 10.32 -14.87
C ASP C 240 -23.12 9.21 -15.35
N SER C 241 -22.64 8.37 -16.26
CA SER C 241 -23.49 7.33 -16.81
C SER C 241 -23.71 6.18 -15.79
N LEU C 242 -22.75 5.99 -14.89
CA LEU C 242 -22.84 5.00 -13.82
C LEU C 242 -23.92 5.38 -12.80
N LEU C 243 -23.93 6.64 -12.44
CA LEU C 243 -24.96 7.23 -11.62
C LEU C 243 -26.38 7.12 -12.20
N GLU C 244 -26.50 7.46 -13.47
CA GLU C 244 -27.76 7.40 -14.18
C GLU C 244 -28.28 6.00 -14.25
N ALA C 245 -27.38 5.05 -14.50
CA ALA C 245 -27.77 3.67 -14.60
C ALA C 245 -28.24 3.14 -13.23
N GLY C 246 -27.57 3.57 -12.16
CA GLY C 246 -27.98 3.31 -10.76
C GLY C 246 -29.40 3.78 -10.47
N GLN C 247 -29.71 5.02 -10.80
CA GLN C 247 -31.04 5.59 -10.58
CA GLN C 247 -31.06 5.58 -10.54
C GLN C 247 -32.12 4.84 -11.36
N PHE C 248 -31.77 4.46 -12.58
CA PHE C 248 -32.66 3.73 -13.47
C PHE C 248 -33.04 2.33 -12.89
N ILE C 249 -32.04 1.60 -12.41
CA ILE C 249 -32.21 0.28 -11.85
C ILE C 249 -32.96 0.38 -10.53
N ALA C 250 -32.61 1.35 -9.69
CA ALA C 250 -33.33 1.62 -8.42
C ALA C 250 -34.85 1.91 -8.60
N THR C 251 -35.16 2.76 -9.56
CA THR C 251 -36.55 3.07 -9.89
C THR C 251 -37.36 1.81 -10.31
N LEU C 252 -36.80 1.00 -11.21
CA LEU C 252 -37.41 -0.27 -11.58
C LEU C 252 -37.58 -1.25 -10.40
N GLU C 253 -36.52 -1.49 -9.64
CA GLU C 253 -36.54 -2.44 -8.53
C GLU C 253 -37.47 -2.02 -7.43
N ASN C 254 -37.46 -0.75 -7.09
CA ASN C 254 -38.33 -0.23 -6.02
C ASN C 254 -39.79 -0.12 -6.41
N ARG C 255 -40.05 0.03 -7.70
CA ARG C 255 -41.40 -0.05 -8.21
C ARG C 255 -41.96 -1.47 -8.21
N GLN C 256 -41.17 -2.42 -8.74
CA GLN C 256 -41.62 -3.79 -8.99
C GLN C 256 -41.41 -4.80 -7.85
N GLY C 257 -40.45 -4.53 -6.97
CA GLY C 257 -40.02 -5.53 -5.98
C GLY C 257 -39.42 -6.72 -6.69
N LEU C 258 -38.90 -6.49 -7.90
CA LEU C 258 -38.21 -7.52 -8.68
C LEU C 258 -36.86 -6.96 -9.06
N LYS C 259 -35.80 -7.79 -8.99
CA LYS C 259 -34.48 -7.30 -9.27
C LYS C 259 -34.13 -7.43 -10.73
N VAL C 260 -33.30 -6.51 -11.21
CA VAL C 260 -32.69 -6.61 -12.54
C VAL C 260 -31.33 -7.32 -12.39
N ALA C 261 -31.11 -8.36 -13.22
CA ALA C 261 -29.78 -9.00 -13.33
C ALA C 261 -29.30 -9.64 -12.02
N CYS C 262 -30.19 -10.38 -11.36
CA CYS C 262 -29.85 -11.21 -10.21
C CYS C 262 -29.52 -12.60 -10.76
N PRO C 263 -28.23 -12.97 -10.83
CA PRO C 263 -27.84 -14.26 -11.40
C PRO C 263 -28.47 -15.48 -10.73
N GLU C 264 -28.58 -15.47 -9.41
CA GLU C 264 -29.20 -16.58 -8.69
C GLU C 264 -30.61 -16.80 -9.20
N GLU C 265 -31.37 -15.72 -9.32
CA GLU C 265 -32.73 -15.76 -9.87
C GLU C 265 -32.78 -16.27 -11.28
N ILE C 266 -31.89 -15.78 -12.13
CA ILE C 266 -31.90 -16.22 -13.51
C ILE C 266 -31.54 -17.70 -13.64
N ALA C 267 -30.58 -18.17 -12.85
CA ALA C 267 -30.20 -19.57 -12.89
C ALA C 267 -31.37 -20.45 -12.37
N TYR C 268 -32.06 -20.01 -11.32
CA TYR C 268 -33.24 -20.72 -10.81
C TYR C 268 -34.35 -20.81 -11.86
N ARG C 269 -34.68 -19.68 -12.48
CA ARG C 269 -35.73 -19.69 -13.51
C ARG C 269 -35.35 -20.46 -14.76
N GLN C 270 -34.05 -20.53 -15.05
CA GLN C 270 -33.56 -21.33 -16.20
C GLN C 270 -33.50 -22.85 -15.89
N LYS C 271 -33.71 -23.22 -14.63
CA LYS C 271 -33.64 -24.59 -14.12
C LYS C 271 -32.20 -25.10 -13.98
N TRP C 272 -31.23 -24.18 -13.87
CA TRP C 272 -29.83 -24.54 -13.75
C TRP C 272 -29.45 -24.83 -12.35
N ILE C 273 -30.22 -24.30 -11.41
CA ILE C 273 -30.11 -24.68 -10.01
C ILE C 273 -31.54 -24.89 -9.51
N ASP C 274 -31.72 -25.66 -8.44
CA ASP C 274 -33.07 -25.96 -7.95
C ASP C 274 -33.39 -25.22 -6.66
N ALA C 275 -34.60 -25.45 -6.14
CA ALA C 275 -35.07 -24.79 -4.93
C ALA C 275 -34.14 -24.95 -3.73
N ALA C 276 -33.64 -26.17 -3.52
CA ALA C 276 -32.74 -26.44 -2.40
C ALA C 276 -31.44 -25.63 -2.53
N GLN C 277 -30.89 -25.57 -3.74
CA GLN C 277 -29.64 -24.85 -4.00
C GLN C 277 -29.84 -23.33 -3.81
N LEU C 278 -30.94 -22.80 -4.35
CA LEU C 278 -31.29 -21.39 -4.14
C LEU C 278 -31.45 -21.05 -2.67
N GLU C 279 -32.02 -21.97 -1.88
CA GLU C 279 -32.15 -21.77 -0.44
C GLU C 279 -30.79 -21.68 0.24
N LYS C 280 -29.86 -22.55 -0.15
CA LYS C 280 -28.49 -22.50 0.38
C LYS C 280 -27.81 -21.17 0.08
N LEU C 281 -27.98 -20.68 -1.14
CA LEU C 281 -27.40 -19.40 -1.54
C LEU C 281 -27.99 -18.25 -0.73
N ALA C 282 -29.27 -18.31 -0.40
CA ALA C 282 -29.92 -17.25 0.36
C ALA C 282 -29.44 -17.17 1.81
N ALA C 283 -29.08 -18.31 2.40
CA ALA C 283 -28.69 -18.40 3.83
C ALA C 283 -27.65 -17.38 4.31
N PRO C 284 -26.46 -17.34 3.69
CA PRO C 284 -25.42 -16.39 4.14
C PRO C 284 -25.86 -14.93 4.06
N LEU C 285 -26.76 -14.64 3.13
CA LEU C 285 -27.24 -13.28 2.88
C LEU C 285 -28.58 -12.99 3.57
N ALA C 286 -29.09 -13.93 4.38
CA ALA C 286 -30.44 -13.82 5.00
C ALA C 286 -30.69 -12.51 5.76
N LYS C 287 -29.62 -11.96 6.32
CA LYS C 287 -29.64 -10.71 7.09
C LYS C 287 -30.00 -9.47 6.29
N ASN C 288 -29.67 -9.46 5.00
CA ASN C 288 -29.91 -8.28 4.16
C ASN C 288 -31.00 -8.47 3.11
N GLY C 289 -31.34 -7.39 2.41
CA GLY C 289 -32.42 -7.37 1.42
C GLY C 289 -32.25 -8.33 0.25
N TYR C 290 -31.00 -8.59 -0.13
CA TYR C 290 -30.71 -9.44 -1.28
C TYR C 290 -31.00 -10.91 -0.92
N GLY C 291 -30.53 -11.36 0.24
CA GLY C 291 -30.88 -12.68 0.78
C GLY C 291 -32.36 -12.87 1.00
N GLN C 292 -33.04 -11.85 1.54
CA GLN C 292 -34.48 -11.91 1.75
C GLN C 292 -35.23 -12.03 0.41
N TYR C 293 -34.72 -11.35 -0.60
CA TYR C 293 -35.28 -11.44 -1.95
C TYR C 293 -35.16 -12.83 -2.52
N LEU C 294 -34.00 -13.46 -2.37
CA LEU C 294 -33.82 -14.83 -2.89
C LEU C 294 -34.75 -15.82 -2.15
N LYS C 295 -34.95 -15.60 -0.86
CA LYS C 295 -35.83 -16.42 -0.04
C LYS C 295 -37.28 -16.25 -0.49
N ARG C 296 -37.71 -15.00 -0.71
CA ARG C 296 -39.05 -14.73 -1.25
C ARG C 296 -39.32 -15.41 -2.59
N LEU C 297 -38.30 -15.55 -3.44
CA LEU C 297 -38.48 -16.21 -4.75
C LEU C 297 -38.95 -17.66 -4.68
N LEU C 298 -38.59 -18.34 -3.59
CA LEU C 298 -38.97 -19.75 -3.40
C LEU C 298 -40.46 -19.95 -3.20
N THR C 299 -41.12 -18.97 -2.59
CA THR C 299 -42.53 -19.08 -2.16
C THR C 299 -43.45 -18.07 -2.84
N GLU C 300 -43.15 -17.73 -4.09
CA GLU C 300 -43.96 -16.80 -4.86
C GLU C 300 -43.95 -17.23 -6.30
N THR C 301 -45.06 -17.06 -6.99
CA THR C 301 -45.11 -17.28 -8.44
C THR C 301 -44.93 -15.93 -9.13
N VAL C 302 -43.88 -15.78 -9.94
CA VAL C 302 -43.69 -14.56 -10.73
C VAL C 302 -43.93 -14.93 -12.17
N TYR C 303 -44.88 -14.27 -12.82
CA TYR C 303 -45.27 -14.60 -14.19
C TYR C 303 -44.45 -13.77 -15.19
N MET D 11 27.31 29.42 28.42
CA MET D 11 26.17 29.40 27.46
C MET D 11 25.87 27.98 26.94
N LYS D 12 24.57 27.70 26.73
CA LYS D 12 24.15 26.39 26.22
C LYS D 12 24.37 26.25 24.72
N ARG D 13 24.66 25.03 24.30
CA ARG D 13 24.80 24.72 22.87
C ARG D 13 23.72 23.73 22.45
N LYS D 14 23.04 24.05 21.36
CA LYS D 14 21.95 23.22 20.84
C LYS D 14 22.49 22.43 19.66
N GLY D 15 21.90 21.27 19.41
CA GLY D 15 22.36 20.40 18.33
C GLY D 15 21.34 20.22 17.24
N ILE D 16 21.83 20.06 16.02
CA ILE D 16 20.98 19.70 14.90
C ILE D 16 21.56 18.48 14.22
N ILE D 17 20.70 17.49 13.98
CA ILE D 17 21.08 16.36 13.15
C ILE D 17 20.35 16.49 11.84
N LEU D 18 21.09 16.62 10.76
CA LEU D 18 20.49 16.71 9.46
C LEU D 18 20.42 15.30 8.82
N ALA D 19 19.20 14.77 8.73
CA ALA D 19 18.96 13.40 8.31
C ALA D 19 17.98 13.40 7.16
N GLY D 20 18.33 14.17 6.14
CA GLY D 20 17.47 14.39 5.00
C GLY D 20 17.65 13.39 3.88
N GLY D 21 17.12 13.75 2.71
CA GLY D 21 17.03 12.83 1.58
C GLY D 21 18.34 12.74 0.80
N SER D 22 18.86 11.52 0.66
CA SER D 22 20.03 11.21 -0.21
C SER D 22 19.64 10.98 -1.68
N GLY D 23 18.48 11.49 -2.06
CA GLY D 23 18.03 11.45 -3.44
C GLY D 23 17.76 10.04 -3.93
N THR D 24 18.18 9.75 -5.17
CA THR D 24 18.00 8.43 -5.77
C THR D 24 19.31 7.62 -5.84
N ARG D 25 20.37 8.13 -5.25
CA ARG D 25 21.73 7.56 -5.44
C ARG D 25 21.91 6.11 -4.93
N LEU D 26 21.23 5.78 -3.84
CA LEU D 26 21.31 4.42 -3.28
C LEU D 26 20.04 3.61 -3.57
N HIS D 27 19.23 4.06 -4.54
CA HIS D 27 18.02 3.32 -4.90
C HIS D 27 18.46 2.05 -5.59
N PRO D 28 17.69 0.96 -5.43
CA PRO D 28 16.40 0.86 -4.73
C PRO D 28 16.50 0.50 -3.24
N ALA D 29 17.70 0.33 -2.71
CA ALA D 29 17.91 -0.03 -1.29
C ALA D 29 17.20 0.99 -0.36
N THR D 30 17.34 2.27 -0.70
CA THR D 30 16.68 3.38 0.03
C THR D 30 15.28 3.81 -0.48
N LEU D 31 14.67 3.03 -1.36
CA LEU D 31 13.32 3.38 -1.85
C LEU D 31 12.26 3.29 -0.78
N ALA D 32 12.38 2.25 0.04
CA ALA D 32 11.39 2.01 1.09
C ALA D 32 11.55 2.96 2.28
N ILE D 33 12.80 3.33 2.60
CA ILE D 33 13.11 4.08 3.83
C ILE D 33 14.40 4.88 3.71
N SER D 34 14.45 5.98 4.45
CA SER D 34 15.58 6.88 4.44
C SER D 34 16.86 6.20 4.94
N LYS D 35 17.95 6.64 4.37
CA LYS D 35 19.23 6.09 4.67
C LYS D 35 19.53 6.09 6.18
N GLN D 36 19.13 7.14 6.92
CA GLN D 36 19.55 7.27 8.32
C GLN D 36 18.73 6.43 9.29
N LEU D 37 17.75 5.71 8.76
CA LEU D 37 17.04 4.67 9.53
C LEU D 37 17.57 3.27 9.27
N LEU D 38 18.43 3.10 8.28
CA LEU D 38 19.06 1.82 8.06
C LEU D 38 20.02 1.51 9.21
N PRO D 39 20.16 0.22 9.56
CA PRO D 39 21.11 -0.08 10.60
C PRO D 39 22.56 -0.10 10.12
N VAL D 40 23.46 0.34 11.00
CA VAL D 40 24.89 0.07 10.83
C VAL D 40 25.23 -0.98 11.88
N TYR D 41 25.40 -2.21 11.38
CA TYR D 41 25.53 -3.41 12.19
C TYR D 41 24.29 -3.64 13.05
N ASP D 42 24.25 -3.06 14.23
CA ASP D 42 23.27 -3.48 15.24
C ASP D 42 22.37 -2.38 15.76
N LYS D 43 22.42 -1.21 15.14
CA LYS D 43 21.60 -0.09 15.59
C LYS D 43 21.42 0.91 14.44
N PRO D 44 20.34 1.71 14.48
CA PRO D 44 20.05 2.62 13.39
C PRO D 44 21.13 3.63 13.16
N MET D 45 21.37 3.96 11.90
CA MET D 45 22.42 4.87 11.55
C MET D 45 22.37 6.10 12.40
N ILE D 46 21.18 6.61 12.69
CA ILE D 46 21.08 7.90 13.36
C ILE D 46 21.61 7.89 14.82
N TYR D 47 21.69 6.71 15.46
CA TYR D 47 22.25 6.60 16.81
C TYR D 47 23.69 7.12 16.89
N TYR D 48 24.42 6.97 15.78
CA TYR D 48 25.83 7.35 15.74
C TYR D 48 26.05 8.87 15.80
N PRO D 49 25.42 9.66 14.90
CA PRO D 49 25.57 11.13 15.03
C PRO D 49 24.91 11.69 16.28
N LEU D 50 23.82 11.09 16.73
CA LEU D 50 23.22 11.47 18.00
C LEU D 50 24.22 11.26 19.16
N SER D 51 24.91 10.13 19.15
CA SER D 51 25.91 9.86 20.18
C SER D 51 27.06 10.87 20.13
N THR D 52 27.45 11.26 18.92
CA THR D 52 28.48 12.27 18.80
C THR D 52 28.05 13.57 19.48
N LEU D 53 26.83 14.03 19.22
CA LEU D 53 26.33 15.25 19.86
C LEU D 53 26.31 15.06 21.37
N MET D 54 25.81 13.93 21.84
CA MET D 54 25.78 13.66 23.26
C MET D 54 27.18 13.72 23.89
N LEU D 55 28.18 13.21 23.18
CA LEU D 55 29.56 13.19 23.69
C LEU D 55 30.16 14.59 23.73
N ALA D 56 29.64 15.49 22.88
CA ALA D 56 29.98 16.92 22.98
C ALA D 56 29.21 17.65 24.11
N GLY D 57 28.41 16.93 24.89
CA GLY D 57 27.65 17.53 26.01
C GLY D 57 26.30 18.14 25.62
N ILE D 58 25.85 17.93 24.39
CA ILE D 58 24.63 18.56 23.87
C ILE D 58 23.40 17.69 24.16
N ARG D 59 22.42 18.25 24.87
CA ARG D 59 21.22 17.51 25.29
C ARG D 59 19.96 17.92 24.52
N GLU D 60 20.01 19.09 23.92
CA GLU D 60 18.86 19.69 23.28
C GLU D 60 19.09 19.65 21.81
N ILE D 61 18.30 18.83 21.11
CA ILE D 61 18.62 18.43 19.75
C ILE D 61 17.40 18.46 18.81
N LEU D 62 17.59 19.10 17.64
CA LEU D 62 16.61 19.11 16.57
C LEU D 62 16.98 18.11 15.47
N ILE D 63 16.07 17.19 15.17
CA ILE D 63 16.25 16.27 14.06
C ILE D 63 15.48 16.76 12.83
N ILE D 64 16.20 16.93 11.72
CA ILE D 64 15.64 17.37 10.46
C ILE D 64 15.66 16.24 9.42
N SER D 65 14.50 15.93 8.85
CA SER D 65 14.39 14.86 7.83
C SER D 65 13.31 15.17 6.84
N THR D 66 13.07 14.26 5.91
CA THR D 66 12.03 14.47 4.90
C THR D 66 10.64 14.43 5.57
N PRO D 67 9.64 15.00 4.89
CA PRO D 67 8.28 14.90 5.42
C PRO D 67 7.81 13.47 5.64
N GLN D 68 8.17 12.57 4.74
CA GLN D 68 7.82 11.15 4.87
C GLN D 68 8.47 10.44 6.08
N ASP D 69 9.70 10.80 6.39
CA ASP D 69 10.48 10.07 7.38
C ASP D 69 10.39 10.62 8.80
N THR D 70 10.00 11.87 8.95
CA THR D 70 9.95 12.48 10.28
C THR D 70 9.17 11.67 11.31
N PRO D 71 7.96 11.20 10.96
CA PRO D 71 7.24 10.41 11.94
C PRO D 71 7.97 9.15 12.36
N ARG D 72 8.78 8.60 11.46
CA ARG D 72 9.53 7.39 11.77
C ARG D 72 10.67 7.69 12.73
N PHE D 73 11.36 8.81 12.54
CA PHE D 73 12.36 9.25 13.52
C PHE D 73 11.69 9.51 14.90
N GLN D 74 10.49 10.08 14.87
CA GLN D 74 9.73 10.37 16.10
C GLN D 74 9.33 9.09 16.83
N GLN D 75 8.86 8.12 16.07
CA GLN D 75 8.54 6.81 16.61
C GLN D 75 9.77 6.11 17.21
N LEU D 76 10.92 6.24 16.56
CA LEU D 76 12.13 5.65 17.07
C LEU D 76 12.62 6.36 18.35
N LEU D 77 12.70 7.68 18.31
CA LEU D 77 13.44 8.44 19.34
C LEU D 77 12.58 9.14 20.39
N GLY D 78 11.31 9.39 20.09
CA GLY D 78 10.41 10.07 21.01
C GLY D 78 10.85 11.50 21.25
N ASP D 79 10.58 12.01 22.46
CA ASP D 79 11.02 13.36 22.84
C ASP D 79 12.37 13.36 23.56
N GLY D 80 12.95 12.18 23.73
CA GLY D 80 14.30 12.04 24.27
C GLY D 80 14.38 11.92 25.79
N SER D 81 13.25 12.15 26.46
CA SER D 81 13.23 12.22 27.92
C SER D 81 13.70 10.93 28.58
N ASN D 82 13.49 9.78 27.93
CA ASN D 82 13.99 8.50 28.46
C ASN D 82 15.51 8.42 28.57
N TRP D 83 16.22 9.26 27.82
CA TRP D 83 17.67 9.29 27.79
C TRP D 83 18.21 10.59 28.31
N GLY D 84 17.37 11.37 28.99
CA GLY D 84 17.83 12.63 29.56
C GLY D 84 18.09 13.71 28.51
N LEU D 85 17.44 13.56 27.35
CA LEU D 85 17.54 14.51 26.27
C LEU D 85 16.23 15.27 26.05
N ASP D 86 16.30 16.34 25.27
CA ASP D 86 15.13 17.08 24.81
C ASP D 86 15.19 17.12 23.29
N LEU D 87 14.44 16.22 22.65
CA LEU D 87 14.48 16.14 21.18
C LEU D 87 13.27 16.81 20.55
N GLN D 88 13.51 17.59 19.49
CA GLN D 88 12.48 18.24 18.71
C GLN D 88 12.66 17.85 17.24
N TYR D 89 11.62 18.05 16.42
CA TYR D 89 11.65 17.63 15.00
C TYR D 89 11.22 18.70 14.00
N ALA D 90 11.79 18.65 12.80
CA ALA D 90 11.42 19.56 11.73
C ALA D 90 11.69 18.89 10.38
N VAL D 91 11.12 19.44 9.32
CA VAL D 91 11.17 18.80 8.00
C VAL D 91 11.97 19.63 6.99
N GLN D 92 12.65 18.95 6.07
CA GLN D 92 13.28 19.58 4.91
C GLN D 92 12.48 19.11 3.70
N PRO D 93 11.58 19.98 3.18
CA PRO D 93 10.72 19.58 2.06
C PRO D 93 11.47 19.08 0.84
N SER D 94 12.60 19.73 0.54
CA SER D 94 13.40 19.39 -0.64
C SER D 94 14.89 19.40 -0.30
N PRO D 95 15.68 18.49 -0.89
CA PRO D 95 17.11 18.48 -0.59
C PRO D 95 17.86 19.65 -1.27
N ASP D 96 17.71 20.84 -0.69
CA ASP D 96 18.26 22.07 -1.27
C ASP D 96 19.52 22.58 -0.54
N GLY D 97 20.30 21.66 0.02
CA GLY D 97 21.60 21.98 0.59
C GLY D 97 21.64 21.94 2.11
N LEU D 98 22.80 21.63 2.64
CA LEU D 98 22.95 21.38 4.08
C LEU D 98 22.77 22.65 4.93
N ALA D 99 23.05 23.81 4.34
CA ALA D 99 22.96 25.08 5.07
C ALA D 99 21.53 25.45 5.40
N GLN D 100 20.57 24.85 4.68
CA GLN D 100 19.15 25.02 5.02
C GLN D 100 18.81 24.67 6.46
N ALA D 101 19.63 23.83 7.08
CA ALA D 101 19.40 23.41 8.47
C ALA D 101 19.25 24.59 9.43
N PHE D 102 19.95 25.67 9.13
CA PHE D 102 19.93 26.86 9.99
C PHE D 102 18.71 27.77 9.78
N LEU D 103 18.14 27.76 8.58
CA LEU D 103 16.86 28.45 8.32
C LEU D 103 15.72 27.65 8.96
N ILE D 104 15.64 26.36 8.63
CA ILE D 104 14.67 25.43 9.23
C ILE D 104 14.82 25.47 10.75
N GLY D 105 16.05 25.48 11.23
CA GLY D 105 16.33 25.45 12.67
C GLY D 105 16.42 26.78 13.38
N GLU D 106 16.09 27.87 12.69
CA GLU D 106 16.27 29.22 13.24
C GLU D 106 15.62 29.45 14.60
N SER D 107 14.35 29.11 14.76
CA SER D 107 13.67 29.39 16.03
C SER D 107 14.05 28.40 17.12
N PHE D 108 14.38 27.18 16.74
CA PHE D 108 14.96 26.21 17.67
C PHE D 108 16.28 26.74 18.25
N ILE D 109 17.15 27.26 17.38
CA ILE D 109 18.46 27.76 17.83
C ILE D 109 18.28 28.98 18.74
N GLY D 110 17.43 29.93 18.32
CA GLY D 110 17.19 31.14 19.11
C GLY D 110 18.46 31.97 19.16
N ASN D 111 18.87 32.36 20.36
CA ASN D 111 20.12 33.09 20.50
C ASN D 111 21.25 32.23 21.11
N ASP D 112 21.15 30.92 20.96
CA ASP D 112 22.17 30.03 21.54
C ASP D 112 23.30 29.67 20.59
N LEU D 113 24.32 29.05 21.15
CA LEU D 113 25.36 28.39 20.36
C LEU D 113 24.75 27.14 19.72
N SER D 114 25.30 26.69 18.60
CA SER D 114 24.80 25.48 17.94
C SER D 114 25.88 24.52 17.46
N ALA D 115 25.43 23.34 17.05
CA ALA D 115 26.29 22.33 16.45
C ALA D 115 25.44 21.56 15.43
N LEU D 116 26.00 21.36 14.25
CA LEU D 116 25.36 20.58 13.20
C LEU D 116 26.14 19.28 12.94
N VAL D 117 25.44 18.16 12.87
CA VAL D 117 26.06 16.89 12.50
C VAL D 117 25.26 16.24 11.39
N LEU D 118 25.93 15.71 10.39
CA LEU D 118 25.24 15.00 9.31
C LEU D 118 24.81 13.62 9.78
N GLY D 119 23.60 13.24 9.38
CA GLY D 119 22.97 12.02 9.88
C GLY D 119 23.61 10.70 9.45
N ASP D 120 24.45 10.72 8.42
CA ASP D 120 25.12 9.52 7.95
C ASP D 120 26.64 9.48 8.20
N ASN D 121 27.11 10.22 9.20
CA ASN D 121 28.54 10.26 9.56
C ASN D 121 28.80 9.54 10.88
N LEU D 122 29.82 8.69 10.87
CA LEU D 122 30.25 7.95 12.05
C LEU D 122 31.67 8.28 12.41
N TYR D 123 31.90 8.47 13.68
CA TYR D 123 33.20 8.81 14.23
C TYR D 123 33.56 7.76 15.25
N TYR D 124 34.81 7.30 15.23
CA TYR D 124 35.32 6.44 16.27
C TYR D 124 36.75 6.84 16.63
N GLY D 125 37.04 6.86 17.93
CA GLY D 125 38.41 7.04 18.39
C GLY D 125 38.49 7.45 19.86
N HIS D 126 39.72 7.72 20.29
CA HIS D 126 40.07 7.91 21.70
C HIS D 126 39.85 9.30 22.21
N ASP D 127 39.42 9.40 23.47
CA ASP D 127 39.26 10.69 24.16
C ASP D 127 38.42 11.60 23.26
N PHE D 128 37.35 11.02 22.76
CA PHE D 128 36.52 11.69 21.78
C PHE D 128 35.74 12.78 22.49
N HIS D 129 35.29 12.49 23.72
CA HIS D 129 34.69 13.49 24.66
C HIS D 129 35.62 14.62 25.05
N GLU D 130 36.94 14.49 24.86
CA GLU D 130 37.92 15.59 25.01
C GLU D 130 38.23 16.37 23.73
N LEU D 131 38.30 15.69 22.59
CA LEU D 131 38.54 16.38 21.30
C LEU D 131 37.35 17.26 20.87
N LEU D 132 36.15 16.88 21.28
CA LEU D 132 34.95 17.68 21.05
C LEU D 132 34.82 18.78 22.10
N GLY D 133 35.34 18.52 23.31
CA GLY D 133 35.28 19.46 24.42
C GLY D 133 35.87 20.81 24.08
N SER D 134 37.06 20.82 23.46
CA SER D 134 37.72 22.07 23.11
C SER D 134 36.89 22.79 22.08
N ALA D 135 36.24 22.05 21.17
CA ALA D 135 35.40 22.67 20.16
C ALA D 135 34.11 23.22 20.76
N SER D 136 33.51 22.44 21.66
CA SER D 136 32.19 22.75 22.23
C SER D 136 32.25 23.94 23.18
N GLN D 137 33.40 24.07 23.87
CA GLN D 137 33.68 25.12 24.88
C GLN D 137 34.04 26.47 24.25
N ARG D 138 34.61 26.45 23.04
CA ARG D 138 34.94 27.64 22.28
C ARG D 138 33.65 28.42 21.95
N GLN D 139 33.43 29.54 22.62
CA GLN D 139 32.16 30.27 22.53
C GLN D 139 32.13 31.30 21.41
N THR D 140 33.21 31.40 20.64
CA THR D 140 33.28 32.39 19.59
C THR D 140 33.71 31.73 18.33
N GLY D 141 33.21 32.21 17.20
CA GLY D 141 33.61 31.69 15.91
C GLY D 141 33.04 30.29 15.67
N ALA D 142 33.61 29.61 14.67
CA ALA D 142 33.18 28.25 14.29
C ALA D 142 34.32 27.26 14.41
N SER D 143 33.98 26.00 14.60
CA SER D 143 34.98 24.92 14.62
C SER D 143 34.55 23.77 13.71
N VAL D 144 35.51 23.30 12.92
CA VAL D 144 35.33 22.15 12.06
C VAL D 144 36.57 21.26 12.21
N PHE D 145 36.46 20.06 11.63
CA PHE D 145 37.55 19.09 11.64
C PHE D 145 37.95 18.70 10.24
N ALA D 146 39.24 18.64 9.97
CA ALA D 146 39.74 18.17 8.68
C ALA D 146 40.40 16.78 8.84
N TYR D 147 40.23 15.92 7.83
CA TYR D 147 40.62 14.49 7.91
C TYR D 147 41.19 14.06 6.59
N HIS D 148 42.34 13.40 6.63
CA HIS D 148 42.99 12.90 5.42
C HIS D 148 42.19 11.78 4.78
N VAL D 149 41.89 11.91 3.49
CA VAL D 149 41.15 10.90 2.75
C VAL D 149 41.79 10.68 1.40
N LEU D 150 41.45 9.57 0.77
CA LEU D 150 41.97 9.19 -0.55
C LEU D 150 41.30 9.95 -1.71
N ASP D 151 40.02 10.33 -1.54
CA ASP D 151 39.19 10.93 -2.62
C ASP D 151 38.63 12.29 -2.22
N PRO D 152 39.52 13.28 -2.05
CA PRO D 152 39.04 14.55 -1.51
C PRO D 152 38.04 15.31 -2.40
N GLU D 153 38.01 14.99 -3.71
CA GLU D 153 37.01 15.59 -4.65
C GLU D 153 35.57 15.51 -4.18
N ARG D 154 35.26 14.55 -3.31
CA ARG D 154 33.86 14.30 -2.93
C ARG D 154 33.42 15.24 -1.83
N TYR D 155 34.34 16.01 -1.26
CA TYR D 155 34.05 16.75 -0.05
C TYR D 155 34.39 18.22 -0.18
N GLY D 156 34.12 18.94 0.91
CA GLY D 156 34.75 20.21 1.18
C GLY D 156 36.20 19.99 1.54
N VAL D 157 37.08 20.68 0.82
CA VAL D 157 38.50 20.45 0.88
C VAL D 157 39.17 21.68 1.46
N VAL D 158 40.06 21.47 2.43
CA VAL D 158 40.75 22.56 3.06
C VAL D 158 42.19 22.60 2.58
N GLU D 159 42.65 23.80 2.22
CA GLU D 159 44.03 24.05 1.82
C GLU D 159 44.75 24.73 2.97
N PHE D 160 45.98 24.28 3.22
CA PHE D 160 46.80 24.84 4.28
C PHE D 160 48.00 25.54 3.67
N ASP D 161 48.47 26.59 4.32
CA ASP D 161 49.71 27.24 3.92
C ASP D 161 50.89 26.45 4.49
N GLN D 162 52.10 26.93 4.19
CA GLN D 162 53.30 26.19 4.54
C GLN D 162 53.50 26.02 6.04
N GLY D 163 52.87 26.89 6.84
CA GLY D 163 52.93 26.78 8.29
C GLY D 163 51.75 26.06 8.92
N GLY D 164 50.95 25.38 8.08
CA GLY D 164 49.83 24.58 8.57
C GLY D 164 48.59 25.37 8.97
N LYS D 165 48.43 26.57 8.41
CA LYS D 165 47.25 27.42 8.68
C LYS D 165 46.26 27.29 7.50
N ALA D 166 44.98 27.18 7.82
CA ALA D 166 43.93 26.98 6.81
C ALA D 166 43.73 28.30 6.05
N ILE D 167 43.88 28.28 4.73
CA ILE D 167 43.73 29.50 3.92
C ILE D 167 42.65 29.44 2.83
N SER D 168 42.07 28.27 2.57
CA SER D 168 41.07 28.11 1.51
C SER D 168 40.20 26.86 1.72
N LEU D 169 38.91 26.99 1.39
CA LEU D 169 37.95 25.91 1.38
C LEU D 169 37.30 25.89 0.03
N GLU D 170 37.18 24.70 -0.55
CA GLU D 170 36.53 24.54 -1.85
C GLU D 170 35.56 23.36 -1.75
N GLU D 171 34.37 23.51 -2.32
CA GLU D 171 33.38 22.46 -2.28
C GLU D 171 33.53 21.55 -3.50
N LYS D 172 33.78 20.27 -3.24
CA LYS D 172 33.95 19.27 -4.30
C LYS D 172 34.80 19.74 -5.49
N PRO D 173 36.04 20.15 -5.23
CA PRO D 173 36.88 20.62 -6.34
C PRO D 173 37.30 19.52 -7.31
N LEU D 174 37.31 19.86 -8.60
CA LEU D 174 37.83 18.96 -9.64
C LEU D 174 39.34 18.74 -9.46
N GLU D 175 40.03 19.74 -8.91
CA GLU D 175 41.47 19.62 -8.66
C GLU D 175 41.78 19.97 -7.22
N PRO D 176 41.68 18.97 -6.34
CA PRO D 176 41.80 19.32 -4.93
C PRO D 176 43.19 19.85 -4.56
N LYS D 177 43.20 20.86 -3.69
CA LYS D 177 44.43 21.48 -3.25
C LYS D 177 45.18 20.65 -2.20
N SER D 178 44.46 19.77 -1.50
CA SER D 178 45.05 18.87 -0.52
C SER D 178 44.21 17.57 -0.43
N ASN D 179 44.58 16.66 0.48
CA ASN D 179 43.76 15.46 0.73
C ASN D 179 42.99 15.59 2.03
N TYR D 180 42.88 16.83 2.53
CA TYR D 180 42.14 17.08 3.76
C TYR D 180 40.69 17.51 3.51
N ALA D 181 39.77 16.60 3.87
CA ALA D 181 38.34 16.83 3.77
C ALA D 181 37.74 17.34 5.07
N VAL D 182 36.71 18.18 4.97
CA VAL D 182 36.02 18.68 6.15
C VAL D 182 34.96 17.63 6.55
N THR D 183 34.98 17.21 7.81
CA THR D 183 34.08 16.13 8.22
C THR D 183 32.69 16.71 8.45
N GLY D 184 31.71 15.84 8.69
CA GLY D 184 30.30 16.26 8.86
C GLY D 184 29.88 16.66 10.25
N LEU D 185 30.75 17.38 10.96
CA LEU D 185 30.45 17.85 12.33
C LEU D 185 30.93 19.28 12.44
N TYR D 186 30.02 20.19 12.78
CA TYR D 186 30.31 21.64 12.77
C TYR D 186 29.79 22.33 14.02
N PHE D 187 30.64 23.16 14.62
CA PHE D 187 30.25 23.96 15.78
C PHE D 187 30.19 25.42 15.36
N TYR D 188 29.13 26.11 15.80
CA TYR D 188 28.92 27.52 15.45
C TYR D 188 28.54 28.36 16.65
N ASP D 189 28.83 29.65 16.57
CA ASP D 189 28.41 30.62 17.59
C ASP D 189 27.05 31.22 17.15
N GLN D 190 26.68 32.39 17.71
CA GLN D 190 25.39 33.06 17.39
C GLN D 190 25.26 33.72 16.01
N GLN D 191 26.33 33.76 15.22
CA GLN D 191 26.28 34.39 13.91
C GLN D 191 25.78 33.50 12.78
N VAL D 192 25.70 32.18 12.99
CA VAL D 192 25.50 31.27 11.87
C VAL D 192 24.14 31.42 11.18
N VAL D 193 23.10 31.65 11.95
CA VAL D 193 21.77 31.81 11.35
C VAL D 193 21.79 32.99 10.37
N ASP D 194 22.32 34.13 10.83
CA ASP D 194 22.43 35.33 9.97
C ASP D 194 23.33 35.10 8.74
N ILE D 195 24.45 34.41 8.93
CA ILE D 195 25.29 34.04 7.79
C ILE D 195 24.52 33.16 6.78
N ALA D 196 23.76 32.18 7.29
CA ALA D 196 22.96 31.26 6.46
C ALA D 196 21.87 31.98 5.66
N ARG D 197 21.16 32.90 6.30
CA ARG D 197 20.11 33.67 5.61
C ARG D 197 20.65 34.49 4.42
N ASP D 198 21.87 35.00 4.53
CA ASP D 198 22.49 35.74 3.44
C ASP D 198 22.96 34.89 2.26
N LEU D 199 22.96 33.57 2.39
CA LEU D 199 23.54 32.73 1.34
C LEU D 199 22.68 32.68 0.08
N LYS D 200 23.36 32.59 -1.05
CA LYS D 200 22.73 32.42 -2.35
C LYS D 200 23.04 31.01 -2.82
N PRO D 201 22.10 30.37 -3.55
CA PRO D 201 22.42 29.04 -4.08
C PRO D 201 23.69 29.00 -4.93
N SER D 202 24.37 27.85 -4.88
CA SER D 202 25.55 27.58 -5.67
C SER D 202 25.16 27.26 -7.11
N PRO D 203 26.16 27.06 -8.01
CA PRO D 203 25.84 26.59 -9.37
C PRO D 203 25.11 25.23 -9.45
N ARG D 204 25.19 24.44 -8.38
CA ARG D 204 24.49 23.15 -8.32
C ARG D 204 23.03 23.31 -7.84
N GLY D 205 22.68 24.48 -7.31
CA GLY D 205 21.33 24.77 -6.83
C GLY D 205 21.13 24.38 -5.37
N GLU D 206 22.16 24.63 -4.55
CA GLU D 206 22.15 24.24 -3.14
C GLU D 206 22.75 25.32 -2.23
N LEU D 207 22.21 25.43 -1.02
CA LEU D 207 22.77 26.29 0.00
C LEU D 207 23.88 25.50 0.74
N GLU D 208 25.13 25.86 0.43
CA GLU D 208 26.30 25.08 0.80
C GLU D 208 26.79 25.40 2.21
N ILE D 209 27.09 24.36 2.99
CA ILE D 209 27.72 24.55 4.28
C ILE D 209 29.14 25.13 4.10
N THR D 210 29.81 24.83 3.00
CA THR D 210 31.16 25.34 2.79
C THR D 210 31.19 26.86 2.69
N ASP D 211 30.11 27.46 2.16
CA ASP D 211 29.98 28.92 2.11
C ASP D 211 29.80 29.49 3.50
N VAL D 212 29.01 28.82 4.35
CA VAL D 212 28.92 29.24 5.75
C VAL D 212 30.30 29.22 6.40
N ASN D 213 31.04 28.12 6.19
CA ASN D 213 32.38 27.98 6.76
C ASN D 213 33.40 28.97 6.14
N ARG D 214 33.30 29.23 4.84
CA ARG D 214 34.09 30.26 4.16
C ARG D 214 33.89 31.66 4.78
N ALA D 215 32.65 31.97 5.12
CA ALA D 215 32.32 33.24 5.77
C ALA D 215 33.09 33.41 7.06
N TYR D 216 33.13 32.36 7.89
CA TYR D 216 33.86 32.42 9.14
C TYR D 216 35.38 32.46 8.89
N LEU D 217 35.83 31.77 7.84
CA LEU D 217 37.26 31.73 7.51
C LEU D 217 37.76 33.14 7.15
N GLU D 218 37.00 33.83 6.29
CA GLU D 218 37.35 35.19 5.82
C GLU D 218 37.41 36.24 6.93
N ARG D 219 36.66 36.07 8.02
CA ARG D 219 36.87 36.94 9.21
C ARG D 219 37.82 36.32 10.23
N GLY D 220 38.57 35.29 9.85
CA GLY D 220 39.54 34.67 10.76
C GLY D 220 38.89 34.03 11.99
N GLN D 221 37.65 33.55 11.85
CA GLN D 221 36.96 32.94 13.00
C GLN D 221 36.62 31.45 12.80
N LEU D 222 37.27 30.81 11.82
CA LEU D 222 37.21 29.33 11.60
C LEU D 222 38.41 28.61 12.19
N SER D 223 38.18 27.91 13.30
CA SER D 223 39.14 26.99 13.83
C SER D 223 39.01 25.63 13.09
N VAL D 224 40.07 25.24 12.38
CA VAL D 224 40.11 23.96 11.66
C VAL D 224 41.06 23.03 12.40
N GLU D 225 40.49 22.11 13.16
CA GLU D 225 41.30 21.17 13.93
C GLU D 225 41.52 19.93 13.07
N ILE D 226 42.72 19.36 13.14
CA ILE D 226 43.01 18.10 12.43
C ILE D 226 42.48 16.91 13.23
N MET D 227 41.64 16.09 12.58
CA MET D 227 41.25 14.81 13.13
C MET D 227 42.26 13.82 12.56
N GLY D 228 43.14 13.33 13.43
CA GLY D 228 44.29 12.55 13.00
C GLY D 228 43.96 11.16 12.43
N ARG D 229 44.98 10.53 11.87
CA ARG D 229 44.87 9.22 11.25
C ARG D 229 44.43 8.10 12.21
N GLY D 230 44.62 8.35 13.51
CA GLY D 230 44.19 7.42 14.53
C GLY D 230 42.73 7.51 14.91
N TYR D 231 41.98 8.37 14.22
CA TYR D 231 40.50 8.36 14.29
C TYR D 231 39.90 7.75 13.03
N ALA D 232 38.75 7.10 13.20
CA ALA D 232 37.98 6.59 12.08
C ALA D 232 36.81 7.55 11.82
N TRP D 233 36.79 8.13 10.62
CA TRP D 233 35.62 8.88 10.17
C TRP D 233 35.10 8.09 9.00
N LEU D 234 33.95 7.44 9.16
CA LEU D 234 33.54 6.44 8.16
C LEU D 234 32.53 6.95 7.12
N ASP D 235 32.81 6.47 5.91
CA ASP D 235 32.04 6.67 4.67
C ASP D 235 30.75 5.83 4.69
N THR D 236 29.57 6.47 4.70
CA THR D 236 28.33 5.78 4.36
C THR D 236 27.65 6.24 3.06
N GLY D 237 28.43 6.68 2.08
CA GLY D 237 27.89 7.24 0.83
C GLY D 237 27.58 6.25 -0.29
N THR D 238 28.15 5.04 -0.21
CA THR D 238 27.89 4.00 -1.19
C THR D 238 27.44 2.67 -0.51
N HIS D 239 26.96 1.73 -1.33
CA HIS D 239 26.61 0.41 -0.83
C HIS D 239 27.81 -0.23 -0.25
N ASP D 240 28.95 -0.10 -0.93
CA ASP D 240 30.22 -0.70 -0.47
C ASP D 240 30.70 -0.10 0.85
N SER D 241 30.62 1.22 0.97
CA SER D 241 31.12 1.85 2.18
C SER D 241 30.20 1.60 3.40
N LEU D 242 28.91 1.45 3.17
CA LEU D 242 27.90 1.16 4.20
C LEU D 242 28.15 -0.22 4.82
N LEU D 243 28.46 -1.17 3.96
CA LEU D 243 28.89 -2.49 4.33
C LEU D 243 30.19 -2.52 5.16
N GLU D 244 31.19 -1.80 4.66
CA GLU D 244 32.48 -1.68 5.35
C GLU D 244 32.33 -1.09 6.73
N ALA D 245 31.43 -0.11 6.87
CA ALA D 245 31.19 0.50 8.18
C ALA D 245 30.57 -0.50 9.16
N GLY D 246 29.56 -1.24 8.70
CA GLY D 246 28.96 -2.38 9.43
C GLY D 246 30.01 -3.38 9.94
N GLN D 247 30.92 -3.80 9.07
CA GLN D 247 31.97 -4.74 9.44
CA GLN D 247 32.03 -4.73 9.40
C GLN D 247 32.97 -4.16 10.46
N PHE D 248 33.28 -2.87 10.30
CA PHE D 248 34.15 -2.14 11.19
C PHE D 248 33.55 -2.07 12.60
N ILE D 249 32.28 -1.72 12.73
CA ILE D 249 31.61 -1.61 14.01
C ILE D 249 31.45 -2.99 14.66
N ALA D 250 31.07 -4.01 13.88
CA ALA D 250 31.01 -5.39 14.36
C ALA D 250 32.34 -5.93 14.92
N THR D 251 33.43 -5.68 14.23
CA THR D 251 34.75 -6.08 14.67
C THR D 251 35.10 -5.44 16.03
N LEU D 252 34.88 -4.12 16.18
CA LEU D 252 35.11 -3.45 17.45
C LEU D 252 34.24 -4.00 18.57
N GLU D 253 32.94 -4.15 18.34
CA GLU D 253 32.02 -4.57 19.39
C GLU D 253 32.26 -6.01 19.81
N ASN D 254 32.51 -6.89 18.85
CA ASN D 254 32.75 -8.28 19.14
C ASN D 254 34.14 -8.53 19.77
N ARG D 255 35.09 -7.65 19.53
CA ARG D 255 36.38 -7.72 20.19
C ARG D 255 36.29 -7.27 21.65
N GLN D 256 35.63 -6.14 21.89
CA GLN D 256 35.63 -5.47 23.18
C GLN D 256 34.51 -5.86 24.12
N GLY D 257 33.40 -6.33 23.58
CA GLY D 257 32.18 -6.47 24.37
C GLY D 257 31.68 -5.11 24.83
N LEU D 258 32.03 -4.06 24.08
CA LEU D 258 31.55 -2.72 24.36
C LEU D 258 30.93 -2.17 23.06
N LYS D 259 29.79 -1.49 23.18
CA LYS D 259 29.10 -1.00 22.01
C LYS D 259 29.61 0.39 21.63
N VAL D 260 29.59 0.67 20.33
CA VAL D 260 29.82 2.00 19.80
C VAL D 260 28.47 2.70 19.66
N ALA D 261 28.37 3.92 20.21
CA ALA D 261 27.21 4.80 19.99
C ALA D 261 25.91 4.22 20.51
N CYS D 262 25.93 3.73 21.74
CA CYS D 262 24.74 3.31 22.47
C CYS D 262 24.29 4.49 23.28
N PRO D 263 23.18 5.15 22.88
CA PRO D 263 22.80 6.38 23.58
C PRO D 263 22.44 6.18 25.05
N GLU D 264 21.80 5.07 25.38
CA GLU D 264 21.46 4.77 26.79
C GLU D 264 22.73 4.77 27.65
N GLU D 265 23.75 4.07 27.16
CA GLU D 265 25.07 4.03 27.82
C GLU D 265 25.67 5.41 27.95
N ILE D 266 25.67 6.19 26.88
CA ILE D 266 26.28 7.51 26.93
C ILE D 266 25.55 8.41 27.92
N ALA D 267 24.21 8.33 27.95
CA ALA D 267 23.46 9.13 28.90
C ALA D 267 23.77 8.72 30.35
N TYR D 268 23.86 7.41 30.59
CA TYR D 268 24.20 6.90 31.92
C TYR D 268 25.58 7.40 32.36
N ARG D 269 26.58 7.25 31.49
CA ARG D 269 27.94 7.69 31.82
C ARG D 269 28.05 9.20 31.96
N GLN D 270 27.20 9.95 31.26
CA GLN D 270 27.16 11.43 31.39
C GLN D 270 26.42 11.91 32.66
N LYS D 271 25.77 10.97 33.35
CA LYS D 271 24.94 11.22 34.55
C LYS D 271 23.61 11.91 34.20
N TRP D 272 23.15 11.74 32.96
CA TRP D 272 21.87 12.32 32.53
C TRP D 272 20.71 11.46 32.90
N ILE D 273 20.97 10.18 33.07
CA ILE D 273 19.98 9.27 33.64
C ILE D 273 20.70 8.46 34.71
N ASP D 274 19.97 7.88 35.65
CA ASP D 274 20.61 7.10 36.72
C ASP D 274 20.41 5.59 36.55
N ALA D 275 20.95 4.82 37.50
CA ALA D 275 20.88 3.36 37.47
C ALA D 275 19.45 2.81 37.35
N ALA D 276 18.51 3.38 38.11
CA ALA D 276 17.11 2.94 38.07
C ALA D 276 16.48 3.17 36.69
N GLN D 277 16.77 4.32 36.08
CA GLN D 277 16.23 4.65 34.76
C GLN D 277 16.84 3.74 33.68
N LEU D 278 18.16 3.52 33.73
CA LEU D 278 18.81 2.58 32.82
C LEU D 278 18.23 1.17 32.93
N GLU D 279 17.90 0.75 34.14
CA GLU D 279 17.28 -0.55 34.37
C GLU D 279 15.90 -0.65 33.71
N LYS D 280 15.10 0.42 33.82
CA LYS D 280 13.81 0.48 33.14
C LYS D 280 13.96 0.34 31.63
N LEU D 281 14.93 1.05 31.06
CA LEU D 281 15.18 0.99 29.62
C LEU D 281 15.59 -0.41 29.14
N ALA D 282 16.34 -1.13 29.98
CA ALA D 282 16.79 -2.48 29.65
C ALA D 282 15.64 -3.51 29.63
N ALA D 283 14.63 -3.31 30.47
CA ALA D 283 13.52 -4.28 30.63
C ALA D 283 12.86 -4.76 29.34
N PRO D 284 12.32 -3.83 28.51
CA PRO D 284 11.65 -4.25 27.26
C PRO D 284 12.55 -5.02 26.31
N LEU D 285 13.85 -4.74 26.37
CA LEU D 285 14.83 -5.36 25.49
C LEU D 285 15.58 -6.54 26.13
N ALA D 286 15.18 -6.94 27.35
CA ALA D 286 15.90 -7.95 28.16
C ALA D 286 16.18 -9.26 27.45
N LYS D 287 15.29 -9.64 26.54
CA LYS D 287 15.39 -10.88 25.79
C LYS D 287 16.50 -10.89 24.72
N ASN D 288 16.90 -9.73 24.20
CA ASN D 288 17.95 -9.68 23.19
C ASN D 288 19.28 -9.12 23.70
N GLY D 289 20.31 -9.18 22.85
CA GLY D 289 21.66 -8.77 23.20
C GLY D 289 21.80 -7.32 23.64
N TYR D 290 20.97 -6.45 23.11
CA TYR D 290 21.08 -5.03 23.36
C TYR D 290 20.57 -4.73 24.77
N GLY D 291 19.43 -5.29 25.13
CA GLY D 291 18.93 -5.26 26.52
C GLY D 291 19.88 -5.88 27.53
N GLN D 292 20.46 -7.03 27.19
CA GLN D 292 21.43 -7.71 28.08
C GLN D 292 22.67 -6.83 28.31
N TYR D 293 23.08 -6.14 27.24
CA TYR D 293 24.20 -5.22 27.31
C TYR D 293 23.93 -4.05 28.25
N LEU D 294 22.74 -3.46 28.17
CA LEU D 294 22.39 -2.36 29.07
C LEU D 294 22.32 -2.82 30.55
N LYS D 295 21.83 -4.04 30.76
CA LYS D 295 21.77 -4.65 32.10
C LYS D 295 23.18 -4.89 32.66
N ARG D 296 24.08 -5.45 31.84
CA ARG D 296 25.49 -5.63 32.24
C ARG D 296 26.18 -4.31 32.64
N LEU D 297 25.82 -3.20 32.01
CA LEU D 297 26.43 -1.90 32.34
C LEU D 297 26.21 -1.47 33.79
N LEU D 298 25.12 -1.92 34.39
CA LEU D 298 24.81 -1.56 35.79
C LEU D 298 25.78 -2.17 36.80
N THR D 299 26.30 -3.36 36.50
CA THR D 299 27.12 -4.15 37.42
C THR D 299 28.54 -4.39 36.93
N GLU D 300 29.10 -3.40 36.24
CA GLU D 300 30.48 -3.46 35.75
C GLU D 300 31.06 -2.06 35.77
N THR D 301 32.35 -1.96 36.08
CA THR D 301 33.07 -0.70 35.97
C THR D 301 33.85 -0.70 34.66
N VAL D 302 33.61 0.28 33.78
CA VAL D 302 34.36 0.43 32.50
C VAL D 302 35.18 1.69 32.59
N TYR D 303 36.49 1.56 32.43
CA TYR D 303 37.42 2.68 32.56
C TYR D 303 37.65 3.34 31.19
#